data_7CSD
#
_entry.id   7CSD
#
_cell.length_a   73.872
_cell.length_b   143.671
_cell.length_c   76.102
_cell.angle_alpha   90.000
_cell.angle_beta   116.331
_cell.angle_gamma   90.000
#
_symmetry.space_group_name_H-M   'P 1 21 1'
#
loop_
_entity.id
_entity.type
_entity.pdbx_description
1 polymer 'Pinoresinol reductase 1'
2 non-polymer 4-[[(3R,4R,5S)-4-(hydroxymethyl)-5-(3-methoxy-4-oxidanyl-phenyl)oxolan-3-yl]methyl]-2-methoxy-phenol
3 non-polymer 'NADPH DIHYDRO-NICOTINAMIDE-ADENINE-DINUCLEOTIDE PHOSPHATE'
4 water water
#
_entity_poly.entity_id   1
_entity_poly.type   'polypeptide(L)'
_entity_poly.pdbx_seq_one_letter_code
;MGESKRTEKTRVLVVGATGYIGKRIVRACLAEGHETYVLQRPEIGLEIEKVQLFLSFKKLGARIVEGSFSDHQSLVSAVK
LVDVVVSAMSGVHFRSHNILVQLKLVEAIKEAGNVKRFLPSEFGMDPPRMGHALPPGRETFDQKMEVRQAIEAAGIPYTY
VVGACFAAYFAGNLSQMVTLLPPKEKVNIYGDGNVKVVFADEDDIAKYTAKTLNDPRTLNKTVNIRPPDNVLTQLELVQI
WEKLTGKELEKTNIAAQDFLANIEQMEIPHQAGIGHFYHIFYEGCLTDHEVGEDEEASSLYPDVKYKRMDDYLRMFL
;
_entity_poly.pdbx_strand_id   C,D,A,B
#
# COMPACT_ATOMS: atom_id res chain seq x y z
N LYS A 9 -16.40 -37.75 -23.99
CA LYS A 9 -15.98 -36.34 -24.00
C LYS A 9 -14.80 -36.10 -23.08
N THR A 10 -13.90 -35.21 -23.48
CA THR A 10 -12.74 -34.89 -22.67
C THR A 10 -13.16 -34.02 -21.49
N ARG A 11 -12.76 -34.42 -20.29
CA ARG A 11 -13.00 -33.63 -19.08
C ARG A 11 -11.78 -32.75 -18.82
N VAL A 12 -12.01 -31.44 -18.70
CA VAL A 12 -10.93 -30.48 -18.53
C VAL A 12 -11.15 -29.73 -17.23
N LEU A 13 -10.09 -29.55 -16.46
CA LEU A 13 -10.12 -28.64 -15.33
C LEU A 13 -9.28 -27.42 -15.65
N VAL A 14 -9.86 -26.23 -15.53
CA VAL A 14 -9.12 -25.00 -15.74
C VAL A 14 -8.85 -24.38 -14.36
N VAL A 15 -7.57 -24.14 -14.09
CA VAL A 15 -7.10 -23.52 -12.86
C VAL A 15 -6.59 -22.14 -13.23
N GLY A 16 -7.08 -21.12 -12.55
CA GLY A 16 -6.95 -19.76 -13.05
C GLY A 16 -8.12 -19.34 -13.91
N ALA A 17 -9.32 -19.84 -13.61
CA ALA A 17 -10.44 -19.74 -14.53
C ALA A 17 -10.93 -18.31 -14.70
N THR A 18 -10.72 -17.45 -13.70
CA THR A 18 -11.15 -16.05 -13.82
C THR A 18 -10.05 -15.14 -14.32
N GLY A 19 -8.92 -15.70 -14.75
CA GLY A 19 -7.84 -14.90 -15.29
C GLY A 19 -8.17 -14.31 -16.65
N TYR A 20 -7.26 -13.44 -17.09
CA TYR A 20 -7.43 -12.78 -18.39
C TYR A 20 -7.49 -13.80 -19.53
N ILE A 21 -6.46 -14.65 -19.66
CA ILE A 21 -6.55 -15.71 -20.68
C ILE A 21 -7.34 -16.90 -20.15
N GLY A 22 -7.30 -17.14 -18.83
CA GLY A 22 -8.02 -18.27 -18.27
C GLY A 22 -9.52 -18.24 -18.56
N LYS A 23 -10.15 -17.07 -18.39
CA LYS A 23 -11.60 -17.03 -18.64
C LYS A 23 -11.91 -17.29 -20.11
N ARG A 24 -11.03 -16.90 -21.02
CA ARG A 24 -11.24 -17.18 -22.43
C ARG A 24 -11.06 -18.66 -22.73
N ILE A 25 -10.11 -19.31 -22.07
CA ILE A 25 -9.93 -20.76 -22.23
C ILE A 25 -11.17 -21.50 -21.72
N VAL A 26 -11.73 -21.08 -20.58
CA VAL A 26 -12.95 -21.73 -20.07
C VAL A 26 -14.03 -21.69 -21.13
N ARG A 27 -14.32 -20.50 -21.65
CA ARG A 27 -15.38 -20.38 -22.66
C ARG A 27 -15.07 -21.21 -23.89
N ALA A 28 -13.81 -21.22 -24.33
CA ALA A 28 -13.46 -22.00 -25.52
C ALA A 28 -13.58 -23.51 -25.27
N CYS A 29 -13.19 -23.98 -24.08
CA CYS A 29 -13.40 -25.40 -23.76
C CYS A 29 -14.88 -25.76 -23.85
N LEU A 30 -15.75 -24.89 -23.31
CA LEU A 30 -17.18 -25.15 -23.38
C LEU A 30 -17.67 -25.13 -24.82
N ALA A 31 -17.24 -24.15 -25.60
CA ALA A 31 -17.64 -24.10 -27.02
C ALA A 31 -17.14 -25.33 -27.77
N GLU A 32 -15.97 -25.84 -27.41
CA GLU A 32 -15.40 -27.02 -28.05
C GLU A 32 -16.12 -28.31 -27.65
N GLY A 33 -16.94 -28.29 -26.61
CA GLY A 33 -17.68 -29.44 -26.18
C GLY A 33 -17.06 -30.22 -25.05
N HIS A 34 -15.94 -29.76 -24.50
CA HIS A 34 -15.35 -30.43 -23.36
C HIS A 34 -16.26 -30.33 -22.15
N GLU A 35 -16.28 -31.38 -21.34
CA GLU A 35 -16.90 -31.28 -20.03
C GLU A 35 -15.96 -30.45 -19.15
N THR A 36 -16.32 -29.19 -18.93
CA THR A 36 -15.39 -28.18 -18.44
C THR A 36 -15.61 -27.92 -16.96
N TYR A 37 -14.57 -28.14 -16.16
CA TYR A 37 -14.55 -27.89 -14.73
C TYR A 37 -13.69 -26.66 -14.45
N VAL A 38 -14.08 -25.86 -13.45
CA VAL A 38 -13.32 -24.67 -13.09
C VAL A 38 -13.03 -24.69 -11.61
N LEU A 39 -11.79 -24.41 -11.23
CA LEU A 39 -11.40 -24.38 -9.83
C LEU A 39 -11.83 -23.07 -9.21
N GLN A 40 -12.66 -23.12 -8.18
CA GLN A 40 -13.07 -21.92 -7.45
C GLN A 40 -12.40 -21.94 -6.10
N ARG A 41 -11.55 -20.97 -5.87
CA ARG A 41 -10.77 -20.94 -4.65
C ARG A 41 -11.54 -20.21 -3.54
N PRO A 42 -11.26 -20.57 -2.29
CA PRO A 42 -12.14 -20.12 -1.19
C PRO A 42 -11.99 -18.65 -0.81
N GLU A 43 -10.91 -17.99 -1.21
CA GLU A 43 -10.57 -16.70 -0.63
C GLU A 43 -11.18 -15.52 -1.39
N ILE A 44 -12.13 -15.78 -2.30
CA ILE A 44 -12.60 -14.72 -3.19
C ILE A 44 -13.15 -13.55 -2.40
N GLY A 45 -13.81 -13.82 -1.28
CA GLY A 45 -14.31 -12.73 -0.44
C GLY A 45 -15.23 -11.81 -1.23
N LEU A 46 -14.97 -10.50 -1.12
CA LEU A 46 -15.80 -9.48 -1.75
C LEU A 46 -15.37 -9.17 -3.19
N GLU A 47 -14.66 -10.08 -3.85
CA GLU A 47 -14.26 -9.90 -5.25
C GLU A 47 -15.43 -10.26 -6.18
N ILE A 48 -16.34 -9.30 -6.33
CA ILE A 48 -17.62 -9.59 -6.97
C ILE A 48 -17.45 -9.96 -8.44
N GLU A 49 -16.45 -9.39 -9.12
CA GLU A 49 -16.26 -9.72 -10.53
C GLU A 49 -15.83 -11.17 -10.72
N LYS A 50 -14.99 -11.69 -9.82
CA LYS A 50 -14.62 -13.10 -9.88
C LYS A 50 -15.83 -13.98 -9.61
N VAL A 51 -16.58 -13.66 -8.54
CA VAL A 51 -17.77 -14.44 -8.21
C VAL A 51 -18.71 -14.49 -9.41
N GLN A 52 -18.97 -13.32 -10.02
CA GLN A 52 -19.93 -13.31 -11.12
C GLN A 52 -19.37 -13.98 -12.38
N LEU A 53 -18.04 -13.98 -12.57
CA LEU A 53 -17.48 -14.77 -13.65
C LEU A 53 -17.78 -16.26 -13.46
N PHE A 54 -17.55 -16.78 -12.24
CA PHE A 54 -17.89 -18.18 -11.99
C PHE A 54 -19.37 -18.45 -12.27
N LEU A 55 -20.24 -17.53 -11.84
CA LEU A 55 -21.67 -17.70 -12.12
C LEU A 55 -21.94 -17.69 -13.62
N SER A 56 -21.24 -16.85 -14.38
CA SER A 56 -21.42 -16.87 -15.83
C SER A 56 -20.89 -18.17 -16.44
N PHE A 57 -19.87 -18.78 -15.84
CA PHE A 57 -19.38 -20.07 -16.33
C PHE A 57 -20.41 -21.18 -16.11
N LYS A 58 -21.01 -21.20 -14.91
CA LYS A 58 -22.09 -22.16 -14.67
C LYS A 58 -23.17 -22.04 -15.71
N LYS A 59 -23.55 -20.81 -16.04
CA LYS A 59 -24.65 -20.61 -16.99
C LYS A 59 -24.30 -21.17 -18.37
N LEU A 60 -23.02 -21.28 -18.70
CA LEU A 60 -22.60 -21.89 -19.95
C LEU A 60 -22.39 -23.39 -19.82
N GLY A 61 -22.58 -23.97 -18.64
CA GLY A 61 -22.41 -25.40 -18.43
C GLY A 61 -21.15 -25.83 -17.72
N ALA A 62 -20.34 -24.89 -17.24
CA ALA A 62 -19.14 -25.26 -16.50
C ALA A 62 -19.53 -25.86 -15.15
N ARG A 63 -18.69 -26.75 -14.65
CA ARG A 63 -18.88 -27.34 -13.32
C ARG A 63 -17.87 -26.73 -12.34
N ILE A 64 -18.39 -26.22 -11.23
CA ILE A 64 -17.57 -25.57 -10.21
C ILE A 64 -16.94 -26.62 -9.32
N VAL A 65 -15.61 -26.57 -9.16
CA VAL A 65 -14.88 -27.43 -8.25
C VAL A 65 -14.20 -26.54 -7.22
N GLU A 66 -14.54 -26.72 -5.95
CA GLU A 66 -13.88 -25.95 -4.90
C GLU A 66 -12.55 -26.57 -4.52
N GLY A 67 -11.56 -25.72 -4.29
CA GLY A 67 -10.26 -26.20 -3.89
C GLY A 67 -9.35 -25.02 -3.61
N SER A 68 -8.28 -25.31 -2.89
CA SER A 68 -7.34 -24.27 -2.49
C SER A 68 -5.92 -24.76 -2.68
N PHE A 69 -5.05 -23.87 -3.14
CA PHE A 69 -3.65 -24.21 -3.27
C PHE A 69 -2.99 -24.46 -1.91
N SER A 70 -3.62 -24.04 -0.81
CA SER A 70 -3.11 -24.35 0.52
C SER A 70 -3.69 -25.64 1.08
N ASP A 71 -4.59 -26.30 0.36
CA ASP A 71 -5.20 -27.58 0.74
C ASP A 71 -4.77 -28.61 -0.31
N HIS A 72 -3.63 -29.27 -0.07
CA HIS A 72 -3.09 -30.17 -1.07
C HIS A 72 -4.09 -31.24 -1.47
N GLN A 73 -4.82 -31.79 -0.49
CA GLN A 73 -5.76 -32.84 -0.83
C GLN A 73 -6.90 -32.31 -1.67
N SER A 74 -7.28 -31.04 -1.50
CA SER A 74 -8.32 -30.47 -2.34
C SER A 74 -7.87 -30.41 -3.80
N LEU A 75 -6.59 -30.11 -4.03
CA LEU A 75 -6.08 -30.12 -5.40
C LEU A 75 -6.06 -31.52 -5.97
N VAL A 76 -5.63 -32.51 -5.16
CA VAL A 76 -5.66 -33.91 -5.61
C VAL A 76 -7.08 -34.31 -6.00
N SER A 77 -8.07 -33.93 -5.17
CA SER A 77 -9.45 -34.29 -5.45
C SER A 77 -9.97 -33.62 -6.71
N ALA A 78 -9.59 -32.36 -6.91
CA ALA A 78 -10.01 -31.65 -8.11
C ALA A 78 -9.47 -32.32 -9.36
N VAL A 79 -8.16 -32.63 -9.40
CA VAL A 79 -7.62 -33.15 -10.65
C VAL A 79 -8.04 -34.59 -10.88
N LYS A 80 -8.49 -35.32 -9.85
CA LYS A 80 -8.99 -36.66 -10.09
C LYS A 80 -10.27 -36.65 -10.93
N LEU A 81 -10.94 -35.50 -11.02
CA LEU A 81 -12.23 -35.46 -11.72
C LEU A 81 -12.10 -35.41 -13.23
N VAL A 82 -10.90 -35.22 -13.77
CA VAL A 82 -10.77 -34.79 -15.16
C VAL A 82 -9.70 -35.59 -15.87
N ASP A 83 -9.67 -35.41 -17.19
CA ASP A 83 -8.63 -35.98 -18.04
C ASP A 83 -7.49 -35.02 -18.30
N VAL A 84 -7.77 -33.73 -18.38
CA VAL A 84 -6.77 -32.73 -18.74
C VAL A 84 -6.87 -31.57 -17.77
N VAL A 85 -5.72 -31.05 -17.35
CA VAL A 85 -5.66 -29.85 -16.53
C VAL A 85 -5.03 -28.76 -17.39
N VAL A 86 -5.63 -27.57 -17.37
CA VAL A 86 -5.06 -26.40 -18.02
C VAL A 86 -4.85 -25.35 -16.94
N SER A 87 -3.62 -24.86 -16.81
CA SER A 87 -3.31 -23.81 -15.85
C SER A 87 -3.11 -22.47 -16.57
N ALA A 88 -3.80 -21.44 -16.10
CA ALA A 88 -3.65 -20.10 -16.62
C ALA A 88 -3.12 -19.17 -15.53
N MET A 89 -2.31 -19.71 -14.61
CA MET A 89 -1.76 -18.96 -13.47
C MET A 89 -1.11 -17.64 -13.91
N SER A 90 -1.17 -16.65 -13.03
CA SER A 90 -0.65 -15.32 -13.35
C SER A 90 0.85 -15.35 -13.62
N GLY A 91 1.28 -14.45 -14.51
CA GLY A 91 2.65 -14.37 -14.97
C GLY A 91 3.02 -13.02 -15.55
N VAL A 92 2.59 -11.95 -14.89
CA VAL A 92 2.85 -10.59 -15.37
C VAL A 92 3.13 -9.72 -14.14
N HIS A 93 4.33 -9.13 -14.10
CA HIS A 93 4.78 -8.43 -12.90
C HIS A 93 3.81 -7.33 -12.48
N PHE A 94 3.27 -6.55 -13.44
CA PHE A 94 2.40 -5.46 -13.02
C PHE A 94 0.99 -5.93 -12.64
N ARG A 95 0.63 -7.17 -12.94
CA ARG A 95 -0.59 -7.74 -12.40
C ARG A 95 -0.19 -8.53 -11.16
N SER A 96 0.09 -9.83 -11.33
CA SER A 96 0.76 -10.63 -10.31
C SER A 96 1.56 -11.72 -11.02
N HIS A 97 2.54 -12.29 -10.32
CA HIS A 97 3.53 -13.17 -10.96
C HIS A 97 3.75 -14.43 -10.12
N ASN A 98 2.77 -15.32 -10.14
CA ASN A 98 2.69 -16.44 -9.21
C ASN A 98 2.86 -17.80 -9.89
N ILE A 99 3.67 -17.81 -10.96
CA ILE A 99 3.96 -19.01 -11.75
C ILE A 99 4.35 -20.19 -10.87
N LEU A 100 5.20 -19.96 -9.86
CA LEU A 100 5.74 -21.06 -9.06
C LEU A 100 4.69 -21.72 -8.17
N VAL A 101 3.55 -21.06 -7.95
CA VAL A 101 2.45 -21.69 -7.22
C VAL A 101 1.96 -22.93 -7.96
N GLN A 102 2.18 -23.00 -9.27
CA GLN A 102 1.80 -24.18 -10.01
C GLN A 102 2.56 -25.42 -9.54
N LEU A 103 3.70 -25.24 -8.85
CA LEU A 103 4.43 -26.40 -8.35
C LEU A 103 3.55 -27.25 -7.45
N LYS A 104 2.67 -26.63 -6.66
CA LYS A 104 1.76 -27.39 -5.83
C LYS A 104 0.74 -28.15 -6.67
N LEU A 105 0.33 -27.57 -7.80
CA LEU A 105 -0.60 -28.26 -8.70
C LEU A 105 0.08 -29.46 -9.36
N VAL A 106 1.35 -29.32 -9.75
CA VAL A 106 2.09 -30.43 -10.33
C VAL A 106 2.18 -31.59 -9.33
N GLU A 107 2.48 -31.27 -8.07
CA GLU A 107 2.54 -32.31 -7.04
C GLU A 107 1.21 -33.04 -6.93
N ALA A 108 0.10 -32.30 -6.91
CA ALA A 108 -1.21 -32.90 -6.80
C ALA A 108 -1.50 -33.76 -8.02
N ILE A 109 -1.14 -33.29 -9.21
CA ILE A 109 -1.32 -34.08 -10.42
C ILE A 109 -0.51 -35.36 -10.32
N LYS A 110 0.72 -35.25 -9.84
CA LYS A 110 1.60 -36.40 -9.72
C LYS A 110 1.01 -37.45 -8.78
N GLU A 111 0.48 -37.00 -7.64
CA GLU A 111 -0.14 -37.93 -6.69
C GLU A 111 -1.42 -38.51 -7.25
N ALA A 112 -2.22 -37.71 -7.94
CA ALA A 112 -3.49 -38.19 -8.47
C ALA A 112 -3.28 -39.36 -9.43
N GLY A 113 -2.46 -39.16 -10.47
CA GLY A 113 -2.06 -40.21 -11.37
C GLY A 113 -2.94 -40.46 -12.58
N ASN A 114 -4.12 -39.83 -12.67
CA ASN A 114 -5.08 -40.09 -13.75
C ASN A 114 -4.98 -39.08 -14.90
N VAL A 115 -4.18 -38.04 -14.76
CA VAL A 115 -4.23 -36.92 -15.70
C VAL A 115 -3.54 -37.32 -16.99
N LYS A 116 -4.27 -37.27 -18.10
CA LYS A 116 -3.69 -37.58 -19.40
C LYS A 116 -2.81 -36.46 -19.92
N ARG A 117 -3.03 -35.22 -19.50
CA ARG A 117 -2.23 -34.15 -20.05
C ARG A 117 -2.38 -32.90 -19.20
N PHE A 118 -1.28 -32.20 -19.01
CA PHE A 118 -1.24 -30.94 -18.29
C PHE A 118 -0.73 -29.85 -19.23
N LEU A 119 -1.50 -28.79 -19.40
CA LEU A 119 -0.99 -27.60 -20.08
C LEU A 119 -0.68 -26.56 -19.02
N PRO A 120 0.58 -26.28 -18.70
CA PRO A 120 0.90 -25.26 -17.70
C PRO A 120 0.75 -23.85 -18.29
N SER A 121 0.98 -22.85 -17.43
CA SER A 121 0.70 -21.45 -17.80
C SER A 121 1.86 -20.90 -18.62
N GLU A 122 1.77 -21.06 -19.93
CA GLU A 122 2.82 -20.65 -20.84
C GLU A 122 2.29 -19.46 -21.60
N PHE A 123 1.81 -19.64 -22.84
CA PHE A 123 1.04 -18.64 -23.57
C PHE A 123 1.85 -17.41 -23.93
N GLY A 124 3.16 -17.54 -24.05
CA GLY A 124 4.02 -16.40 -24.39
C GLY A 124 5.32 -16.76 -25.04
N MET A 125 6.37 -16.02 -24.71
CA MET A 125 7.68 -16.34 -25.22
C MET A 125 8.04 -17.76 -24.76
N ASP A 126 8.86 -18.44 -25.57
CA ASP A 126 9.26 -19.83 -25.37
C ASP A 126 10.38 -19.87 -24.34
N PRO A 127 10.08 -20.21 -23.09
CA PRO A 127 11.07 -20.05 -21.98
C PRO A 127 12.43 -20.65 -22.30
N PRO A 128 12.49 -21.88 -22.85
CA PRO A 128 13.81 -22.48 -23.08
C PRO A 128 14.67 -21.67 -24.03
N ARG A 129 14.06 -20.80 -24.84
CA ARG A 129 14.76 -19.95 -25.78
C ARG A 129 15.27 -18.65 -25.16
N MET A 130 14.87 -18.34 -23.92
CA MET A 130 15.09 -17.04 -23.32
C MET A 130 16.15 -17.05 -22.22
N GLY A 131 17.10 -17.98 -22.31
CA GLY A 131 18.16 -18.07 -21.31
C GLY A 131 19.02 -16.82 -21.20
N HIS A 132 19.01 -15.97 -22.21
CA HIS A 132 19.77 -14.73 -22.21
C HIS A 132 19.01 -13.56 -21.60
N ALA A 133 17.76 -13.77 -21.19
CA ALA A 133 16.82 -12.67 -20.99
C ALA A 133 17.33 -11.68 -19.94
N LEU A 134 16.83 -10.44 -20.04
CA LEU A 134 17.12 -9.41 -19.05
C LEU A 134 16.31 -9.66 -17.78
N PRO A 135 16.94 -9.70 -16.60
CA PRO A 135 16.17 -9.62 -15.34
C PRO A 135 15.73 -8.18 -15.11
N PRO A 136 14.63 -7.96 -14.36
CA PRO A 136 13.82 -8.98 -13.71
C PRO A 136 12.89 -9.68 -14.68
N GLY A 137 12.87 -9.24 -15.94
CA GLY A 137 12.00 -9.89 -16.90
C GLY A 137 12.26 -11.38 -17.00
N ARG A 138 13.52 -11.79 -16.86
CA ARG A 138 13.88 -13.20 -17.01
C ARG A 138 13.20 -14.10 -15.98
N GLU A 139 12.76 -13.53 -14.85
CA GLU A 139 12.05 -14.32 -13.84
C GLU A 139 10.90 -15.09 -14.44
N THR A 140 10.18 -14.48 -15.38
CA THR A 140 9.05 -15.14 -16.04
C THR A 140 9.49 -16.46 -16.65
N PHE A 141 10.59 -16.46 -17.42
CA PHE A 141 11.03 -17.68 -18.09
C PHE A 141 11.71 -18.64 -17.14
N ASP A 142 12.49 -18.12 -16.18
CA ASP A 142 13.08 -18.99 -15.16
C ASP A 142 12.01 -19.76 -14.41
N GLN A 143 10.94 -19.07 -14.00
CA GLN A 143 9.87 -19.73 -13.24
C GLN A 143 9.08 -20.70 -14.11
N LYS A 144 8.83 -20.35 -15.37
CA LYS A 144 8.14 -21.29 -16.24
C LYS A 144 9.02 -22.52 -16.53
N MET A 145 10.34 -22.32 -16.62
CA MET A 145 11.23 -23.47 -16.81
C MET A 145 11.24 -24.37 -15.58
N GLU A 146 11.19 -23.76 -14.38
CA GLU A 146 11.11 -24.57 -13.16
C GLU A 146 9.87 -25.44 -13.13
N VAL A 147 8.75 -24.92 -13.65
CA VAL A 147 7.52 -25.70 -13.71
C VAL A 147 7.64 -26.80 -14.75
N ARG A 148 8.21 -26.48 -15.92
CA ARG A 148 8.45 -27.50 -16.93
C ARG A 148 9.32 -28.62 -16.39
N GLN A 149 10.35 -28.27 -15.60
CA GLN A 149 11.22 -29.28 -15.00
C GLN A 149 10.43 -30.21 -14.09
N ALA A 150 9.52 -29.65 -13.28
CA ALA A 150 8.74 -30.46 -12.35
C ALA A 150 7.77 -31.37 -13.10
N ILE A 151 7.07 -30.82 -14.10
CA ILE A 151 6.17 -31.62 -14.93
C ILE A 151 6.90 -32.82 -15.50
N GLU A 152 8.08 -32.58 -16.08
CA GLU A 152 8.77 -33.62 -16.82
C GLU A 152 9.46 -34.61 -15.90
N ALA A 153 9.93 -34.12 -14.74
CA ALA A 153 10.45 -35.02 -13.71
C ALA A 153 9.39 -35.94 -13.14
N ALA A 154 8.13 -35.47 -13.10
CA ALA A 154 7.04 -36.29 -12.61
C ALA A 154 6.46 -37.20 -13.69
N GLY A 155 6.93 -37.11 -14.94
CA GLY A 155 6.39 -37.93 -16.00
C GLY A 155 5.00 -37.54 -16.45
N ILE A 156 4.55 -36.34 -16.11
CA ILE A 156 3.21 -35.88 -16.49
C ILE A 156 3.21 -35.51 -17.97
N PRO A 157 2.30 -36.05 -18.78
CA PRO A 157 2.25 -35.67 -20.20
C PRO A 157 1.82 -34.22 -20.30
N TYR A 158 2.34 -33.51 -21.29
CA TYR A 158 2.19 -32.06 -21.33
C TYR A 158 1.97 -31.55 -22.76
N THR A 159 1.47 -30.32 -22.84
CA THR A 159 1.58 -29.53 -24.06
C THR A 159 1.91 -28.11 -23.64
N TYR A 160 2.90 -27.48 -24.30
CA TYR A 160 3.31 -26.12 -23.98
C TYR A 160 2.84 -25.23 -25.12
N VAL A 161 1.92 -24.32 -24.82
CA VAL A 161 1.37 -23.42 -25.83
C VAL A 161 2.15 -22.11 -25.75
N VAL A 162 2.82 -21.75 -26.85
CA VAL A 162 3.72 -20.59 -26.84
C VAL A 162 3.63 -19.83 -28.16
N GLY A 163 4.18 -18.62 -28.14
CA GLY A 163 4.68 -18.00 -29.38
C GLY A 163 4.01 -16.72 -29.87
N ALA A 164 2.92 -16.22 -29.29
CA ALA A 164 2.28 -15.01 -29.81
C ALA A 164 2.13 -13.95 -28.74
N CYS A 165 2.29 -12.69 -29.15
CA CYS A 165 1.83 -11.56 -28.34
C CYS A 165 0.30 -11.53 -28.31
N PHE A 166 -0.27 -11.46 -27.10
CA PHE A 166 -1.68 -11.13 -26.95
C PHE A 166 -1.97 -9.81 -27.66
N ALA A 167 -3.01 -9.80 -28.52
CA ALA A 167 -3.27 -8.62 -29.34
C ALA A 167 -3.59 -7.40 -28.48
N ALA A 168 -4.22 -7.61 -27.32
CA ALA A 168 -4.61 -6.45 -26.48
C ALA A 168 -3.40 -5.68 -25.97
N TYR A 169 -2.31 -6.38 -25.66
CA TYR A 169 -1.16 -5.72 -25.05
C TYR A 169 -0.14 -5.24 -26.07
N PHE A 170 -0.28 -5.62 -27.35
CA PHE A 170 0.79 -5.30 -28.30
C PHE A 170 0.26 -4.76 -29.63
N ALA A 171 -0.95 -5.12 -30.03
CA ALA A 171 -1.48 -4.70 -31.31
C ALA A 171 -2.44 -3.51 -31.18
N GLY A 172 -3.36 -3.59 -30.22
CA GLY A 172 -4.33 -2.53 -30.06
C GLY A 172 -3.74 -1.18 -29.67
N ASN A 173 -2.51 -1.16 -29.16
CA ASN A 173 -1.84 0.07 -28.77
C ASN A 173 -0.73 0.44 -29.74
N LEU A 174 -0.64 -0.24 -30.87
CA LEU A 174 0.48 -0.05 -31.77
C LEU A 174 1.79 -0.29 -31.03
N SER A 175 1.74 -1.18 -30.04
CA SER A 175 2.92 -1.61 -29.27
C SER A 175 3.50 -0.51 -28.38
N GLN A 176 2.74 0.55 -28.09
CA GLN A 176 3.20 1.58 -27.17
C GLN A 176 3.02 1.11 -25.73
N MET A 177 4.06 1.29 -24.91
CA MET A 177 3.96 0.76 -23.54
C MET A 177 3.09 1.66 -22.68
N VAL A 178 2.53 1.06 -21.62
CA VAL A 178 1.75 1.76 -20.61
C VAL A 178 0.46 2.35 -21.16
N THR A 179 0.00 1.85 -22.31
CA THR A 179 -1.31 2.22 -22.83
C THR A 179 -1.87 1.03 -23.57
N LEU A 180 -3.20 1.04 -23.76
CA LEU A 180 -3.90 -0.07 -24.41
C LEU A 180 -4.75 0.40 -25.59
N LEU A 181 -4.63 1.66 -25.99
CA LEU A 181 -5.36 2.29 -27.07
C LEU A 181 -4.39 2.86 -28.09
N PRO A 182 -4.77 2.95 -29.35
CA PRO A 182 -3.87 3.51 -30.36
C PRO A 182 -3.57 4.95 -30.03
N PRO A 183 -2.33 5.40 -30.28
CA PRO A 183 -1.99 6.79 -30.01
C PRO A 183 -2.65 7.74 -31.01
N LYS A 184 -2.75 9.02 -30.62
CA LYS A 184 -3.54 9.98 -31.38
C LYS A 184 -2.77 10.58 -32.56
N GLU A 185 -1.53 10.99 -32.34
CA GLU A 185 -0.77 11.74 -33.35
C GLU A 185 0.66 11.28 -33.53
N LYS A 186 1.31 10.76 -32.48
CA LYS A 186 2.71 10.37 -32.52
C LYS A 186 2.83 8.92 -32.07
N VAL A 187 3.83 8.22 -32.59
CA VAL A 187 4.05 6.84 -32.20
C VAL A 187 5.55 6.59 -32.09
N ASN A 188 5.94 5.82 -31.08
CA ASN A 188 7.33 5.40 -30.93
C ASN A 188 7.54 4.11 -31.71
N ILE A 189 8.56 4.08 -32.57
CA ILE A 189 8.94 2.90 -33.35
C ILE A 189 10.22 2.33 -32.76
N TYR A 190 10.21 1.04 -32.44
CA TYR A 190 11.38 0.45 -31.80
C TYR A 190 12.42 0.09 -32.87
N GLY A 191 13.57 0.76 -32.81
CA GLY A 191 14.56 0.58 -33.85
C GLY A 191 14.01 1.05 -35.17
N ASP A 192 14.37 0.34 -36.24
CA ASP A 192 13.83 0.68 -37.54
C ASP A 192 12.38 0.23 -37.72
N GLY A 193 11.83 -0.53 -36.77
CA GLY A 193 10.47 -1.03 -36.93
C GLY A 193 10.33 -2.14 -37.95
N ASN A 194 11.42 -2.84 -38.26
CA ASN A 194 11.43 -3.85 -39.31
C ASN A 194 11.62 -5.27 -38.77
N VAL A 195 11.44 -5.46 -37.46
CA VAL A 195 11.59 -6.77 -36.82
C VAL A 195 10.21 -7.44 -36.75
N LYS A 196 10.13 -8.67 -37.24
CA LYS A 196 8.86 -9.38 -37.32
C LYS A 196 8.42 -9.85 -35.94
N VAL A 197 7.13 -9.63 -35.66
CA VAL A 197 6.50 -9.96 -34.38
C VAL A 197 5.25 -10.77 -34.68
N VAL A 198 4.87 -11.65 -33.75
CA VAL A 198 3.72 -12.53 -33.90
C VAL A 198 2.62 -11.98 -33.02
N PHE A 199 1.45 -11.72 -33.62
CA PHE A 199 0.29 -11.23 -32.89
C PHE A 199 -0.85 -12.21 -33.02
N ALA A 200 -1.61 -12.39 -31.94
CA ALA A 200 -2.82 -13.19 -32.06
C ALA A 200 -3.86 -12.68 -31.09
N ASP A 201 -5.08 -12.56 -31.60
CA ASP A 201 -6.26 -12.35 -30.77
C ASP A 201 -6.36 -13.42 -29.69
N GLU A 202 -6.61 -12.97 -28.46
CA GLU A 202 -6.60 -13.88 -27.31
C GLU A 202 -7.74 -14.89 -27.35
N ASP A 203 -8.87 -14.55 -28.01
CA ASP A 203 -9.92 -15.54 -28.17
C ASP A 203 -9.46 -16.68 -29.09
N ASP A 204 -8.67 -16.36 -30.11
CA ASP A 204 -8.06 -17.38 -30.97
C ASP A 204 -7.06 -18.23 -30.20
N ILE A 205 -6.22 -17.59 -29.38
CA ILE A 205 -5.31 -18.33 -28.51
C ILE A 205 -6.08 -19.33 -27.67
N ALA A 206 -7.21 -18.90 -27.13
CA ALA A 206 -8.04 -19.79 -26.32
C ALA A 206 -8.63 -20.91 -27.15
N LYS A 207 -9.13 -20.60 -28.35
CA LYS A 207 -9.70 -21.64 -29.20
C LYS A 207 -8.64 -22.65 -29.61
N TYR A 208 -7.43 -22.17 -29.94
CA TYR A 208 -6.34 -23.09 -30.24
C TYR A 208 -6.02 -23.98 -29.05
N THR A 209 -6.04 -23.40 -27.83
CA THR A 209 -5.77 -24.19 -26.63
C THR A 209 -6.82 -25.27 -26.42
N ALA A 210 -8.10 -24.94 -26.64
CA ALA A 210 -9.17 -25.91 -26.46
C ALA A 210 -9.11 -27.02 -27.50
N LYS A 211 -8.64 -26.72 -28.70
CA LYS A 211 -8.52 -27.75 -29.72
C LYS A 211 -7.28 -28.62 -29.52
N THR A 212 -6.20 -28.05 -29.01
CA THR A 212 -4.96 -28.79 -28.92
C THR A 212 -4.89 -29.72 -27.71
N LEU A 213 -5.69 -29.48 -26.67
CA LEU A 213 -5.43 -30.17 -25.40
C LEU A 213 -5.79 -31.65 -25.43
N ASN A 214 -6.55 -32.11 -26.41
CA ASN A 214 -6.74 -33.56 -26.59
C ASN A 214 -6.33 -34.01 -27.98
N ASP A 215 -5.48 -33.25 -28.64
CA ASP A 215 -5.00 -33.56 -29.98
C ASP A 215 -3.78 -34.47 -29.87
N PRO A 216 -3.85 -35.72 -30.35
CA PRO A 216 -2.68 -36.60 -30.21
C PRO A 216 -1.43 -35.99 -30.81
N ARG A 217 -1.60 -35.13 -31.82
CA ARG A 217 -0.43 -34.60 -32.50
C ARG A 217 0.43 -33.73 -31.60
N THR A 218 -0.15 -33.12 -30.56
CA THR A 218 0.61 -32.21 -29.72
C THR A 218 0.92 -32.81 -28.35
N LEU A 219 0.75 -34.12 -28.17
CA LEU A 219 1.06 -34.74 -26.88
C LEU A 219 2.56 -34.68 -26.65
N ASN A 220 2.97 -34.10 -25.51
CA ASN A 220 4.38 -33.97 -25.15
C ASN A 220 5.14 -33.09 -26.14
N LYS A 221 4.49 -32.02 -26.60
CA LYS A 221 5.03 -31.13 -27.61
C LYS A 221 4.86 -29.68 -27.21
N THR A 222 5.71 -28.83 -27.75
CA THR A 222 5.46 -27.40 -27.81
C THR A 222 4.63 -27.11 -29.05
N VAL A 223 3.50 -26.41 -28.87
CA VAL A 223 2.70 -25.93 -29.98
C VAL A 223 2.87 -24.43 -30.09
N ASN A 224 3.27 -23.96 -31.27
CA ASN A 224 3.45 -22.53 -31.53
C ASN A 224 2.19 -21.94 -32.15
N ILE A 225 1.79 -20.77 -31.67
CA ILE A 225 0.72 -20.00 -32.29
C ILE A 225 1.41 -18.93 -33.14
N ARG A 226 1.52 -19.19 -34.44
CA ARG A 226 2.16 -18.27 -35.37
C ARG A 226 1.32 -18.22 -36.64
N PRO A 227 0.14 -17.61 -36.57
CA PRO A 227 -0.71 -17.50 -37.75
C PRO A 227 -0.04 -16.60 -38.77
N PRO A 228 0.15 -17.09 -40.00
CA PRO A 228 1.06 -16.41 -40.93
C PRO A 228 0.67 -14.97 -41.26
N ASP A 229 -0.63 -14.68 -41.41
CA ASP A 229 -1.02 -13.32 -41.75
C ASP A 229 -0.80 -12.36 -40.60
N ASN A 230 -0.54 -12.86 -39.39
CA ASN A 230 -0.34 -12.03 -38.22
C ASN A 230 1.13 -11.95 -37.82
N VAL A 231 2.03 -12.31 -38.72
CA VAL A 231 3.46 -12.09 -38.51
C VAL A 231 3.82 -10.78 -39.19
N LEU A 232 4.03 -9.73 -38.39
CA LEU A 232 4.08 -8.35 -38.85
C LEU A 232 5.19 -7.60 -38.13
N THR A 233 5.86 -6.70 -38.83
CA THR A 233 6.72 -5.75 -38.13
C THR A 233 5.85 -4.71 -37.45
N GLN A 234 6.46 -3.95 -36.54
CA GLN A 234 5.72 -2.89 -35.89
C GLN A 234 5.30 -1.82 -36.89
N LEU A 235 6.18 -1.53 -37.85
CA LEU A 235 5.83 -0.53 -38.87
C LEU A 235 4.66 -1.01 -39.73
N GLU A 236 4.66 -2.30 -40.10
CA GLU A 236 3.51 -2.85 -40.81
C GLU A 236 2.24 -2.71 -39.97
N LEU A 237 2.34 -2.96 -38.66
CA LEU A 237 1.18 -2.83 -37.79
C LEU A 237 0.69 -1.38 -37.76
N VAL A 238 1.62 -0.45 -37.58
CA VAL A 238 1.26 0.96 -37.59
C VAL A 238 0.63 1.35 -38.92
N GLN A 239 1.21 0.88 -40.02
CA GLN A 239 0.67 1.25 -41.33
C GLN A 239 -0.74 0.70 -41.53
N ILE A 240 -1.09 -0.42 -40.89
CA ILE A 240 -2.49 -0.86 -40.95
C ILE A 240 -3.39 0.21 -40.33
N TRP A 241 -3.02 0.70 -39.14
CA TRP A 241 -3.83 1.70 -38.46
C TRP A 241 -3.93 2.99 -39.26
N GLU A 242 -2.80 3.46 -39.80
CA GLU A 242 -2.82 4.65 -40.63
C GLU A 242 -3.79 4.49 -41.81
N LYS A 243 -3.78 3.32 -42.46
CA LYS A 243 -4.70 3.08 -43.57
C LYS A 243 -6.16 3.04 -43.10
N LEU A 244 -6.41 2.42 -41.94
CA LEU A 244 -7.79 2.34 -41.45
C LEU A 244 -8.34 3.72 -41.11
N THR A 245 -7.51 4.56 -40.49
CA THR A 245 -7.90 5.89 -40.05
C THR A 245 -7.68 6.96 -41.11
N GLY A 246 -6.94 6.64 -42.17
CA GLY A 246 -6.61 7.62 -43.19
C GLY A 246 -5.71 8.72 -42.70
N LYS A 247 -4.93 8.49 -41.65
CA LYS A 247 -4.06 9.52 -41.12
C LYS A 247 -2.68 8.95 -40.80
N GLU A 248 -1.65 9.60 -41.35
CA GLU A 248 -0.27 9.25 -41.02
C GLU A 248 0.07 9.69 -39.59
N LEU A 249 0.73 8.80 -38.85
CA LEU A 249 1.25 9.14 -37.51
C LEU A 249 2.69 9.64 -37.60
N GLU A 250 3.03 10.60 -36.73
CA GLU A 250 4.41 11.08 -36.60
C GLU A 250 5.25 10.04 -35.88
N LYS A 251 6.27 9.52 -36.56
CA LYS A 251 7.04 8.39 -36.03
C LYS A 251 8.39 8.86 -35.50
N THR A 252 8.68 8.47 -34.26
CA THR A 252 9.98 8.66 -33.64
C THR A 252 10.63 7.30 -33.46
N ASN A 253 11.79 7.11 -34.08
CA ASN A 253 12.51 5.86 -33.96
C ASN A 253 13.38 5.87 -32.70
N ILE A 254 13.24 4.86 -31.86
CA ILE A 254 13.97 4.76 -30.61
C ILE A 254 15.06 3.71 -30.75
N ALA A 255 16.32 4.14 -30.62
CA ALA A 255 17.43 3.20 -30.71
C ALA A 255 17.49 2.29 -29.48
N ALA A 256 18.02 1.08 -29.69
CA ALA A 256 18.07 0.09 -28.61
C ALA A 256 18.68 0.67 -27.34
N GLN A 257 19.76 1.43 -27.49
CA GLN A 257 20.49 1.91 -26.32
C GLN A 257 19.66 2.90 -25.53
N ASP A 258 18.83 3.68 -26.21
CA ASP A 258 17.98 4.68 -25.55
C ASP A 258 16.74 4.05 -24.94
N PHE A 259 16.22 2.98 -25.56
CA PHE A 259 15.09 2.26 -24.99
C PHE A 259 15.44 1.67 -23.62
N LEU A 260 16.65 1.12 -23.49
CA LEU A 260 17.13 0.51 -22.25
C LEU A 260 17.81 1.51 -21.29
N ALA A 261 18.00 2.75 -21.71
CA ALA A 261 18.72 3.68 -20.84
C ALA A 261 18.12 3.78 -19.45
N ASN A 262 18.95 3.58 -18.41
CA ASN A 262 18.53 3.79 -17.03
C ASN A 262 17.47 2.79 -16.57
N ILE A 263 17.42 1.63 -17.22
CA ILE A 263 16.44 0.62 -16.86
C ILE A 263 16.56 0.27 -15.37
N GLU A 264 17.80 0.17 -14.86
CA GLU A 264 18.03 -0.28 -13.50
C GLU A 264 17.36 0.62 -12.47
N GLN A 265 17.00 1.85 -12.84
CA GLN A 265 16.41 2.80 -11.92
C GLN A 265 14.88 2.81 -11.95
N MET A 266 14.27 1.99 -12.79
CA MET A 266 12.82 2.00 -12.86
C MET A 266 12.25 0.96 -11.91
N GLU A 267 10.95 1.05 -11.66
CA GLU A 267 10.27 0.05 -10.85
C GLU A 267 10.36 -1.32 -11.53
N ILE A 268 10.36 -2.37 -10.69
CA ILE A 268 10.61 -3.72 -11.21
C ILE A 268 9.60 -4.13 -12.29
N PRO A 269 8.30 -3.96 -12.11
CA PRO A 269 7.36 -4.38 -13.17
C PRO A 269 7.59 -3.65 -14.48
N HIS A 270 8.00 -2.38 -14.44
CA HIS A 270 8.34 -1.67 -15.67
C HIS A 270 9.65 -2.18 -16.25
N GLN A 271 10.63 -2.49 -15.40
CA GLN A 271 11.86 -3.11 -15.89
C GLN A 271 11.52 -4.40 -16.63
N ALA A 272 10.66 -5.23 -16.04
CA ALA A 272 10.26 -6.47 -16.71
C ALA A 272 9.65 -6.19 -18.07
N GLY A 273 8.67 -5.28 -18.12
CA GLY A 273 8.06 -4.91 -19.38
C GLY A 273 9.07 -4.46 -20.41
N ILE A 274 10.00 -3.61 -20.00
CA ILE A 274 11.01 -3.12 -20.94
C ILE A 274 11.85 -4.27 -21.48
N GLY A 275 12.26 -5.19 -20.61
CA GLY A 275 13.07 -6.31 -21.06
C GLY A 275 12.32 -7.17 -22.04
N HIS A 276 11.05 -7.43 -21.78
CA HIS A 276 10.26 -8.24 -22.70
C HIS A 276 10.10 -7.55 -24.05
N PHE A 277 9.72 -6.27 -24.04
CA PHE A 277 9.58 -5.56 -25.30
C PHE A 277 10.89 -5.56 -26.07
N TYR A 278 12.00 -5.47 -25.36
CA TYR A 278 13.30 -5.52 -26.03
C TYR A 278 13.50 -6.84 -26.76
N HIS A 279 13.26 -7.97 -26.07
CA HIS A 279 13.43 -9.27 -26.72
C HIS A 279 12.49 -9.41 -27.91
N ILE A 280 11.27 -8.87 -27.78
CA ILE A 280 10.28 -9.04 -28.84
C ILE A 280 10.61 -8.15 -30.03
N PHE A 281 10.74 -6.83 -29.79
CA PHE A 281 10.79 -5.86 -30.88
C PHE A 281 12.19 -5.52 -31.37
N TYR A 282 13.22 -5.67 -30.54
CA TYR A 282 14.57 -5.44 -31.01
C TYR A 282 15.28 -6.73 -31.40
N GLU A 283 15.19 -7.77 -30.59
CA GLU A 283 15.86 -9.01 -30.93
C GLU A 283 15.00 -9.95 -31.76
N GLY A 284 13.69 -9.70 -31.85
CA GLY A 284 12.85 -10.53 -32.69
C GLY A 284 12.74 -11.96 -32.21
N CYS A 285 12.55 -12.16 -30.89
CA CYS A 285 12.63 -13.53 -30.37
C CYS A 285 11.48 -14.40 -30.82
N LEU A 286 10.36 -13.82 -31.27
CA LEU A 286 9.23 -14.62 -31.70
C LEU A 286 9.33 -15.09 -33.14
N THR A 287 10.30 -14.58 -33.90
CA THR A 287 10.43 -14.93 -35.32
C THR A 287 11.86 -15.31 -35.69
N ASP A 288 12.79 -15.34 -34.73
CA ASP A 288 14.18 -15.60 -35.06
C ASP A 288 14.47 -17.08 -35.22
N HIS A 289 13.42 -17.89 -35.33
CA HIS A 289 13.53 -19.33 -35.55
C HIS A 289 12.30 -19.78 -36.32
N GLU A 290 12.47 -20.79 -37.16
CA GLU A 290 11.35 -21.34 -37.90
C GLU A 290 10.69 -22.47 -37.10
N VAL A 291 9.40 -22.66 -37.34
CA VAL A 291 8.65 -23.77 -36.75
C VAL A 291 7.87 -24.46 -37.85
N GLY A 292 7.80 -25.80 -37.78
CA GLY A 292 7.11 -26.55 -38.81
C GLY A 292 5.60 -26.50 -38.67
N GLU A 293 4.92 -26.78 -39.78
CA GLU A 293 3.46 -26.77 -39.78
C GLU A 293 2.89 -27.80 -38.84
N ASP A 294 3.61 -28.91 -38.62
CA ASP A 294 3.21 -29.94 -37.67
C ASP A 294 3.27 -29.50 -36.22
N GLU A 295 3.83 -28.32 -35.95
CA GLU A 295 3.88 -27.77 -34.60
C GLU A 295 3.39 -26.32 -34.56
N GLU A 296 2.54 -25.93 -35.49
CA GLU A 296 2.00 -24.58 -35.53
C GLU A 296 0.48 -24.65 -35.54
N ALA A 297 -0.14 -23.92 -34.60
CA ALA A 297 -1.57 -24.05 -34.34
C ALA A 297 -2.44 -23.73 -35.56
N SER A 298 -2.12 -22.66 -36.31
CA SER A 298 -3.02 -22.33 -37.42
C SER A 298 -2.98 -23.40 -38.51
N SER A 299 -1.84 -24.07 -38.68
CA SER A 299 -1.75 -25.20 -39.62
C SER A 299 -2.44 -26.43 -39.06
N LEU A 300 -2.24 -26.71 -37.77
CA LEU A 300 -2.88 -27.87 -37.14
C LEU A 300 -4.39 -27.74 -37.14
N TYR A 301 -4.92 -26.53 -36.99
CA TYR A 301 -6.35 -26.30 -36.78
C TYR A 301 -6.83 -25.26 -37.77
N PRO A 302 -6.87 -25.60 -39.06
CA PRO A 302 -7.19 -24.61 -40.10
C PRO A 302 -8.66 -24.20 -40.13
N ASP A 303 -9.50 -24.84 -39.31
CA ASP A 303 -10.89 -24.42 -39.16
C ASP A 303 -11.05 -23.21 -38.27
N VAL A 304 -10.00 -22.81 -37.54
CA VAL A 304 -10.03 -21.56 -36.79
C VAL A 304 -9.73 -20.44 -37.79
N LYS A 305 -10.75 -19.66 -38.11
CA LYS A 305 -10.56 -18.49 -38.98
C LYS A 305 -10.04 -17.37 -38.09
N TYR A 306 -8.72 -17.37 -37.88
CA TYR A 306 -8.17 -16.47 -36.86
C TYR A 306 -8.37 -15.01 -37.26
N LYS A 307 -8.49 -14.15 -36.25
CA LYS A 307 -8.69 -12.72 -36.49
C LYS A 307 -7.39 -12.08 -36.94
N ARG A 308 -7.42 -11.46 -38.12
CA ARG A 308 -6.24 -10.73 -38.55
C ARG A 308 -6.18 -9.38 -37.85
N MET A 309 -4.99 -8.77 -37.86
CA MET A 309 -4.76 -7.57 -37.08
C MET A 309 -5.46 -6.34 -37.68
N ASP A 310 -5.78 -6.34 -38.98
CA ASP A 310 -6.61 -5.24 -39.48
C ASP A 310 -8.02 -5.34 -38.90
N ASP A 311 -8.60 -6.52 -38.88
CA ASP A 311 -9.91 -6.68 -38.23
C ASP A 311 -9.82 -6.43 -36.73
N TYR A 312 -8.71 -6.81 -36.10
CA TYR A 312 -8.53 -6.52 -34.68
C TYR A 312 -8.52 -5.01 -34.42
N LEU A 313 -7.71 -4.26 -35.18
CA LEU A 313 -7.62 -2.81 -35.00
C LEU A 313 -8.92 -2.11 -35.38
N ARG A 314 -9.71 -2.69 -36.30
CA ARG A 314 -11.00 -2.10 -36.64
C ARG A 314 -11.89 -1.93 -35.41
N MET A 315 -11.70 -2.75 -34.38
CA MET A 315 -12.52 -2.58 -33.18
C MET A 315 -12.24 -1.25 -32.48
N PHE A 316 -11.15 -0.58 -32.79
CA PHE A 316 -10.72 0.61 -32.08
C PHE A 316 -11.12 1.90 -32.79
N LEU A 317 -11.72 1.77 -33.96
CA LEU A 317 -12.18 2.94 -34.70
C LEU A 317 -13.49 3.42 -34.09
N LYS B 9 -34.90 10.05 -30.23
CA LYS B 9 -33.95 9.32 -29.39
C LYS B 9 -33.28 10.22 -28.37
N THR B 10 -33.49 9.92 -27.08
CA THR B 10 -32.80 10.66 -26.05
C THR B 10 -31.31 10.36 -26.11
N ARG B 11 -30.49 11.40 -25.99
CA ARG B 11 -29.04 11.22 -25.98
C ARG B 11 -28.59 11.19 -24.53
N VAL B 12 -27.92 10.11 -24.14
CA VAL B 12 -27.54 9.88 -22.74
C VAL B 12 -26.03 9.70 -22.66
N LEU B 13 -25.40 10.39 -21.70
CA LEU B 13 -24.01 10.15 -21.36
C LEU B 13 -23.91 9.44 -20.03
N VAL B 14 -23.21 8.31 -20.00
CA VAL B 14 -22.97 7.60 -18.74
C VAL B 14 -21.53 7.88 -18.30
N VAL B 15 -21.38 8.44 -17.10
CA VAL B 15 -20.09 8.73 -16.51
C VAL B 15 -19.88 7.71 -15.39
N GLY B 16 -18.76 6.98 -15.46
CA GLY B 16 -18.61 5.79 -14.66
C GLY B 16 -19.07 4.55 -15.40
N ALA B 17 -18.85 4.51 -16.72
CA ALA B 17 -19.45 3.52 -17.59
C ALA B 17 -18.90 2.12 -17.36
N THR B 18 -17.69 2.00 -16.83
CA THR B 18 -17.14 0.66 -16.57
C THR B 18 -17.35 0.22 -15.13
N GLY B 19 -18.18 0.95 -14.37
CA GLY B 19 -18.41 0.61 -12.98
C GLY B 19 -19.37 -0.58 -12.81
N TYR B 20 -19.51 -1.00 -11.55
CA TYR B 20 -20.34 -2.18 -11.28
C TYR B 20 -21.78 -1.93 -11.73
N ILE B 21 -22.41 -0.87 -11.21
CA ILE B 21 -23.75 -0.56 -11.71
C ILE B 21 -23.66 0.23 -13.02
N GLY B 22 -22.56 0.96 -13.22
CA GLY B 22 -22.41 1.76 -14.41
C GLY B 22 -22.48 0.96 -15.71
N LYS B 23 -21.73 -0.17 -15.77
CA LYS B 23 -21.76 -0.93 -17.02
C LYS B 23 -23.15 -1.47 -17.29
N ARG B 24 -23.91 -1.81 -16.24
CA ARG B 24 -25.26 -2.31 -16.45
C ARG B 24 -26.17 -1.22 -16.99
N ILE B 25 -25.99 -0.01 -16.49
CA ILE B 25 -26.74 1.14 -17.01
C ILE B 25 -26.41 1.37 -18.48
N VAL B 26 -25.13 1.32 -18.85
CA VAL B 26 -24.79 1.47 -20.26
C VAL B 26 -25.58 0.49 -21.11
N ARG B 27 -25.51 -0.80 -20.76
CA ARG B 27 -26.19 -1.83 -21.56
C ARG B 27 -27.70 -1.61 -21.58
N ALA B 28 -28.29 -1.25 -20.43
CA ALA B 28 -29.73 -1.03 -20.36
C ALA B 28 -30.16 0.19 -21.18
N CYS B 29 -29.35 1.25 -21.16
CA CYS B 29 -29.66 2.40 -22.02
C CYS B 29 -29.66 2.00 -23.49
N LEU B 30 -28.66 1.22 -23.92
CA LEU B 30 -28.64 0.76 -25.29
C LEU B 30 -29.87 -0.08 -25.60
N ALA B 31 -30.20 -1.03 -24.70
CA ALA B 31 -31.38 -1.87 -24.91
C ALA B 31 -32.66 -1.04 -24.95
N GLU B 32 -32.71 0.07 -24.20
CA GLU B 32 -33.89 0.92 -24.21
C GLU B 32 -34.01 1.74 -25.49
N GLY B 33 -32.93 1.87 -26.25
CA GLY B 33 -32.97 2.61 -27.49
C GLY B 33 -32.38 4.00 -27.41
N HIS B 34 -31.89 4.41 -26.24
CA HIS B 34 -31.21 5.69 -26.10
C HIS B 34 -29.95 5.71 -26.96
N GLU B 35 -29.64 6.90 -27.47
CA GLU B 35 -28.37 7.14 -28.13
C GLU B 35 -27.34 7.33 -27.02
N THR B 36 -26.53 6.30 -26.79
CA THR B 36 -25.82 6.13 -25.52
C THR B 36 -24.35 6.48 -25.72
N TYR B 37 -23.90 7.54 -25.05
CA TYR B 37 -22.52 7.97 -24.99
C TYR B 37 -21.91 7.50 -23.68
N VAL B 38 -20.61 7.17 -23.71
CA VAL B 38 -19.91 6.72 -22.51
C VAL B 38 -18.61 7.48 -22.39
N LEU B 39 -18.35 8.01 -21.20
CA LEU B 39 -17.14 8.78 -20.96
C LEU B 39 -15.95 7.86 -20.78
N GLN B 40 -14.95 8.00 -21.64
CA GLN B 40 -13.74 7.20 -21.55
C GLN B 40 -12.61 8.12 -21.10
N ARG B 41 -12.12 7.89 -19.87
CA ARG B 41 -11.14 8.75 -19.26
C ARG B 41 -9.72 8.32 -19.63
N PRO B 42 -8.81 9.28 -19.77
CA PRO B 42 -7.46 8.95 -20.26
C PRO B 42 -6.60 8.25 -19.24
N GLU B 43 -7.02 8.18 -17.99
CA GLU B 43 -6.18 7.59 -16.96
C GLU B 43 -6.28 6.07 -16.93
N ILE B 44 -7.04 5.47 -17.85
CA ILE B 44 -7.25 4.02 -17.86
C ILE B 44 -5.91 3.29 -17.80
N GLY B 45 -4.99 3.66 -18.67
CA GLY B 45 -3.66 3.08 -18.62
C GLY B 45 -3.73 1.60 -18.94
N LEU B 46 -3.10 0.78 -18.10
CA LEU B 46 -3.05 -0.65 -18.34
C LEU B 46 -4.25 -1.39 -17.75
N GLU B 47 -5.37 -0.70 -17.51
CA GLU B 47 -6.53 -1.34 -16.88
C GLU B 47 -7.31 -2.05 -17.97
N ILE B 48 -6.85 -3.26 -18.30
CA ILE B 48 -7.31 -3.88 -19.53
C ILE B 48 -8.81 -4.17 -19.49
N GLU B 49 -9.35 -4.49 -18.31
CA GLU B 49 -10.76 -4.86 -18.27
C GLU B 49 -11.63 -3.66 -18.60
N LYS B 50 -11.15 -2.46 -18.25
CA LYS B 50 -11.88 -1.24 -18.61
C LYS B 50 -11.83 -1.00 -20.11
N VAL B 51 -10.64 -1.08 -20.70
CA VAL B 51 -10.52 -0.89 -22.15
C VAL B 51 -11.44 -1.86 -22.88
N GLN B 52 -11.48 -3.12 -22.44
CA GLN B 52 -12.27 -4.11 -23.19
C GLN B 52 -13.76 -3.98 -22.92
N LEU B 53 -14.16 -3.46 -21.76
CA LEU B 53 -15.56 -3.08 -21.59
C LEU B 53 -15.95 -1.98 -22.58
N PHE B 54 -15.10 -0.96 -22.73
CA PHE B 54 -15.44 0.10 -23.69
C PHE B 54 -15.58 -0.47 -25.10
N LEU B 55 -14.68 -1.38 -25.47
CA LEU B 55 -14.83 -2.02 -26.77
C LEU B 55 -16.14 -2.77 -26.87
N SER B 56 -16.57 -3.38 -25.76
CA SER B 56 -17.82 -4.14 -25.85
C SER B 56 -19.00 -3.20 -25.97
N PHE B 57 -18.92 -2.02 -25.35
CA PHE B 57 -19.96 -1.01 -25.52
C PHE B 57 -20.03 -0.52 -26.96
N LYS B 58 -18.88 -0.28 -27.58
CA LYS B 58 -18.89 0.19 -28.97
C LYS B 58 -19.58 -0.83 -29.87
N LYS B 59 -19.31 -2.11 -29.67
CA LYS B 59 -19.93 -3.14 -30.52
C LYS B 59 -21.43 -3.17 -30.36
N LEU B 60 -21.95 -2.81 -29.18
CA LEU B 60 -23.38 -2.69 -28.96
C LEU B 60 -23.96 -1.38 -29.45
N GLY B 61 -23.13 -0.45 -29.92
CA GLY B 61 -23.60 0.79 -30.49
C GLY B 61 -23.34 2.03 -29.66
N ALA B 62 -22.67 1.91 -28.52
CA ALA B 62 -22.35 3.10 -27.74
C ALA B 62 -21.33 3.96 -28.46
N ARG B 63 -21.40 5.27 -28.22
CA ARG B 63 -20.45 6.24 -28.75
C ARG B 63 -19.46 6.65 -27.67
N ILE B 64 -18.17 6.57 -28.00
CA ILE B 64 -17.10 6.90 -27.06
C ILE B 64 -16.92 8.41 -27.02
N VAL B 65 -16.83 8.97 -25.81
CA VAL B 65 -16.51 10.39 -25.61
C VAL B 65 -15.33 10.50 -24.67
N GLU B 66 -14.23 11.10 -25.13
CA GLU B 66 -13.04 11.23 -24.31
C GLU B 66 -13.14 12.45 -23.41
N GLY B 67 -12.76 12.29 -22.16
CA GLY B 67 -12.76 13.39 -21.21
C GLY B 67 -12.13 12.95 -19.91
N SER B 68 -11.69 13.94 -19.13
CA SER B 68 -11.02 13.70 -17.87
C SER B 68 -11.65 14.60 -16.81
N PHE B 69 -11.77 14.10 -15.58
CA PHE B 69 -12.24 14.95 -14.51
C PHE B 69 -11.22 16.02 -14.14
N SER B 70 -9.97 15.88 -14.55
CA SER B 70 -8.98 16.93 -14.30
C SER B 70 -8.94 17.98 -15.41
N ASP B 71 -9.82 17.88 -16.40
CA ASP B 71 -9.84 18.78 -17.57
C ASP B 71 -11.26 19.31 -17.71
N HIS B 72 -11.55 20.42 -17.03
CA HIS B 72 -12.91 20.93 -16.95
C HIS B 72 -13.55 21.10 -18.32
N GLN B 73 -12.82 21.66 -19.29
CA GLN B 73 -13.46 21.88 -20.59
C GLN B 73 -13.73 20.56 -21.32
N SER B 74 -12.97 19.51 -21.03
CA SER B 74 -13.32 18.23 -21.63
C SER B 74 -14.66 17.74 -21.10
N LEU B 75 -14.94 17.97 -19.81
CA LEU B 75 -16.25 17.57 -19.27
C LEU B 75 -17.37 18.42 -19.86
N VAL B 76 -17.14 19.73 -19.96
CA VAL B 76 -18.13 20.59 -20.62
C VAL B 76 -18.42 20.07 -22.02
N SER B 77 -17.37 19.77 -22.78
CA SER B 77 -17.60 19.32 -24.15
C SER B 77 -18.39 18.02 -24.19
N ALA B 78 -18.15 17.12 -23.22
CA ALA B 78 -18.84 15.83 -23.21
C ALA B 78 -20.33 16.01 -22.94
N VAL B 79 -20.70 16.78 -21.91
CA VAL B 79 -22.10 16.91 -21.56
C VAL B 79 -22.86 17.76 -22.58
N LYS B 80 -22.17 18.66 -23.30
CA LYS B 80 -22.82 19.38 -24.38
C LYS B 80 -23.37 18.45 -25.45
N LEU B 81 -22.90 17.20 -25.51
CA LEU B 81 -23.32 16.31 -26.58
C LEU B 81 -24.66 15.63 -26.32
N VAL B 82 -25.22 15.73 -25.12
CA VAL B 82 -26.32 14.88 -24.71
C VAL B 82 -27.42 15.70 -24.06
N ASP B 83 -28.57 15.05 -23.92
CA ASP B 83 -29.72 15.58 -23.19
C ASP B 83 -29.74 15.16 -21.73
N VAL B 84 -29.21 13.97 -21.41
CA VAL B 84 -29.28 13.43 -20.05
C VAL B 84 -27.92 12.86 -19.67
N VAL B 85 -27.47 13.15 -18.44
CA VAL B 85 -26.24 12.62 -17.89
C VAL B 85 -26.59 11.71 -16.72
N VAL B 86 -26.04 10.49 -16.72
CA VAL B 86 -26.16 9.56 -15.59
C VAL B 86 -24.77 9.30 -15.04
N SER B 87 -24.62 9.45 -13.72
CA SER B 87 -23.34 9.23 -13.08
C SER B 87 -23.41 7.99 -12.21
N ALA B 88 -22.40 7.11 -12.33
CA ALA B 88 -22.32 5.91 -11.52
C ALA B 88 -21.04 5.91 -10.71
N MET B 89 -20.62 7.12 -10.27
CA MET B 89 -19.37 7.31 -9.54
C MET B 89 -19.31 6.38 -8.33
N SER B 90 -18.09 5.93 -8.02
CA SER B 90 -17.89 4.97 -6.93
C SER B 90 -18.41 5.53 -5.60
N GLY B 91 -18.88 4.63 -4.74
CA GLY B 91 -19.42 5.04 -3.47
C GLY B 91 -19.50 3.91 -2.45
N VAL B 92 -18.40 3.15 -2.32
CA VAL B 92 -18.33 1.99 -1.42
C VAL B 92 -16.94 1.95 -0.82
N HIS B 93 -16.86 2.06 0.51
CA HIS B 93 -15.54 2.23 1.14
C HIS B 93 -14.56 1.14 0.75
N PHE B 94 -15.01 -0.11 0.65
CA PHE B 94 -14.01 -1.13 0.38
C PHE B 94 -13.61 -1.19 -1.09
N ARG B 95 -14.31 -0.46 -1.97
CA ARG B 95 -13.91 -0.33 -3.36
C ARG B 95 -13.18 0.98 -3.55
N SER B 96 -13.94 2.03 -3.87
CA SER B 96 -13.48 3.40 -3.68
C SER B 96 -14.72 4.26 -3.44
N HIS B 97 -14.51 5.43 -2.84
CA HIS B 97 -15.63 6.23 -2.32
C HIS B 97 -15.47 7.67 -2.79
N ASN B 98 -15.60 7.88 -4.09
CA ASN B 98 -15.23 9.14 -4.72
C ASN B 98 -16.46 9.96 -5.16
N ILE B 99 -17.57 9.82 -4.43
CA ILE B 99 -18.80 10.58 -4.67
C ILE B 99 -18.55 12.06 -4.97
N LEU B 100 -17.73 12.71 -4.15
CA LEU B 100 -17.52 14.14 -4.29
C LEU B 100 -16.82 14.53 -5.59
N VAL B 101 -16.18 13.59 -6.29
CA VAL B 101 -15.59 13.94 -7.58
C VAL B 101 -16.69 14.42 -8.53
N GLN B 102 -17.92 13.96 -8.33
CA GLN B 102 -19.03 14.39 -9.16
C GLN B 102 -19.24 15.90 -9.12
N LEU B 103 -18.77 16.58 -8.07
CA LEU B 103 -18.94 18.03 -8.01
C LEU B 103 -18.34 18.69 -9.25
N LYS B 104 -17.26 18.13 -9.78
CA LYS B 104 -16.68 18.65 -11.01
C LYS B 104 -17.62 18.42 -12.19
N LEU B 105 -18.30 17.28 -12.22
CA LEU B 105 -19.27 17.03 -13.30
C LEU B 105 -20.45 18.00 -13.21
N VAL B 106 -20.98 18.21 -12.01
CA VAL B 106 -22.06 19.18 -11.82
C VAL B 106 -21.63 20.55 -12.33
N GLU B 107 -20.42 20.99 -11.96
CA GLU B 107 -19.98 22.31 -12.41
C GLU B 107 -19.92 22.37 -13.93
N ALA B 108 -19.47 21.30 -14.58
CA ALA B 108 -19.43 21.26 -16.05
C ALA B 108 -20.84 21.30 -16.64
N ILE B 109 -21.77 20.57 -16.03
CA ILE B 109 -23.15 20.64 -16.50
C ILE B 109 -23.68 22.05 -16.35
N LYS B 110 -23.36 22.70 -15.24
CA LYS B 110 -23.79 24.08 -15.03
C LYS B 110 -23.35 24.96 -16.19
N GLU B 111 -22.05 24.92 -16.53
CA GLU B 111 -21.56 25.78 -17.60
C GLU B 111 -22.14 25.40 -18.97
N ALA B 112 -22.23 24.10 -19.26
CA ALA B 112 -22.73 23.64 -20.56
C ALA B 112 -24.13 24.18 -20.83
N GLY B 113 -25.06 24.00 -19.88
CA GLY B 113 -26.36 24.63 -19.95
C GLY B 113 -27.44 23.90 -20.71
N ASN B 114 -27.11 22.84 -21.45
CA ASN B 114 -28.03 22.12 -22.34
C ASN B 114 -28.63 20.87 -21.71
N VAL B 115 -28.16 20.43 -20.55
CA VAL B 115 -28.55 19.13 -20.02
C VAL B 115 -29.96 19.21 -19.45
N LYS B 116 -30.87 18.39 -19.98
CA LYS B 116 -32.25 18.36 -19.52
C LYS B 116 -32.44 17.62 -18.21
N ARG B 117 -31.55 16.70 -17.86
CA ARG B 117 -31.70 15.98 -16.60
C ARG B 117 -30.38 15.33 -16.22
N PHE B 118 -30.09 15.32 -14.92
CA PHE B 118 -28.90 14.65 -14.36
C PHE B 118 -29.34 13.63 -13.32
N LEU B 119 -28.86 12.39 -13.46
CA LEU B 119 -29.05 11.36 -12.44
C LEU B 119 -27.71 11.13 -11.76
N PRO B 120 -27.49 11.61 -10.54
CA PRO B 120 -26.20 11.43 -9.88
C PRO B 120 -26.10 10.02 -9.31
N SER B 121 -24.94 9.72 -8.74
CA SER B 121 -24.64 8.37 -8.25
C SER B 121 -25.36 8.16 -6.92
N GLU B 122 -26.57 7.60 -7.00
CA GLU B 122 -27.41 7.38 -5.83
C GLU B 122 -27.53 5.86 -5.63
N PHE B 123 -28.61 5.24 -6.10
CA PHE B 123 -28.74 3.80 -6.25
C PHE B 123 -28.69 3.03 -4.93
N GLY B 124 -29.01 3.66 -3.81
CA GLY B 124 -28.96 2.97 -2.52
C GLY B 124 -29.92 3.59 -1.50
N MET B 125 -29.49 3.57 -0.24
CA MET B 125 -30.27 4.24 0.80
C MET B 125 -30.49 5.70 0.43
N ASP B 126 -31.62 6.22 0.87
CA ASP B 126 -32.11 7.54 0.49
C ASP B 126 -31.43 8.60 1.39
N PRO B 127 -30.43 9.30 0.88
CA PRO B 127 -29.48 10.04 1.76
C PRO B 127 -30.15 11.03 2.71
N PRO B 128 -31.16 11.80 2.29
CA PRO B 128 -31.77 12.75 3.23
C PRO B 128 -32.47 12.07 4.41
N ARG B 129 -32.72 10.76 4.34
CA ARG B 129 -33.34 10.03 5.43
C ARG B 129 -32.33 9.50 6.43
N MET B 130 -31.03 9.63 6.13
CA MET B 130 -29.97 8.97 6.89
C MET B 130 -29.18 9.94 7.76
N GLY B 131 -29.75 11.08 8.13
CA GLY B 131 -29.01 12.06 8.90
C GLY B 131 -28.47 11.56 10.23
N HIS B 132 -29.07 10.49 10.75
CA HIS B 132 -28.71 9.87 12.01
C HIS B 132 -27.64 8.78 11.85
N ALA B 133 -27.13 8.58 10.64
CA ALA B 133 -26.37 7.37 10.35
C ALA B 133 -25.07 7.33 11.14
N LEU B 134 -24.65 6.12 11.46
CA LEU B 134 -23.38 5.91 12.15
C LEU B 134 -22.21 6.28 11.24
N PRO B 135 -21.24 7.06 11.71
CA PRO B 135 -19.96 7.20 10.97
C PRO B 135 -19.08 5.95 11.13
N PRO B 136 -18.19 5.65 10.16
CA PRO B 136 -17.92 6.38 8.93
C PRO B 136 -18.90 6.03 7.79
N GLY B 137 -19.82 5.09 8.03
CA GLY B 137 -20.83 4.79 7.03
C GLY B 137 -21.59 6.02 6.60
N ARG B 138 -21.70 7.02 7.49
CA ARG B 138 -22.44 8.23 7.19
C ARG B 138 -21.79 9.03 6.07
N GLU B 139 -20.50 8.85 5.83
CA GLU B 139 -19.84 9.61 4.78
C GLU B 139 -20.53 9.43 3.44
N THR B 140 -21.02 8.20 3.16
CA THR B 140 -21.72 7.96 1.92
C THR B 140 -22.89 8.91 1.74
N PHE B 141 -23.71 9.07 2.78
CA PHE B 141 -24.92 9.87 2.63
C PHE B 141 -24.62 11.36 2.72
N ASP B 142 -23.71 11.79 3.60
CA ASP B 142 -23.30 13.19 3.63
C ASP B 142 -22.77 13.63 2.27
N GLN B 143 -21.96 12.79 1.64
CA GLN B 143 -21.36 13.16 0.35
C GLN B 143 -22.41 13.22 -0.75
N LYS B 144 -23.31 12.22 -0.81
CA LYS B 144 -24.38 12.31 -1.79
C LYS B 144 -25.25 13.53 -1.55
N MET B 145 -25.48 13.89 -0.28
CA MET B 145 -26.24 15.12 -0.02
C MET B 145 -25.50 16.36 -0.51
N GLU B 146 -24.18 16.42 -0.34
CA GLU B 146 -23.44 17.57 -0.86
C GLU B 146 -23.61 17.66 -2.38
N VAL B 147 -23.65 16.51 -3.05
CA VAL B 147 -23.84 16.53 -4.49
C VAL B 147 -25.27 16.99 -4.82
N ARG B 148 -26.26 16.47 -4.09
CA ARG B 148 -27.63 16.93 -4.29
C ARG B 148 -27.72 18.44 -4.12
N GLN B 149 -27.10 18.96 -3.06
CA GLN B 149 -27.19 20.40 -2.83
C GLN B 149 -26.55 21.17 -3.98
N ALA B 150 -25.43 20.67 -4.52
CA ALA B 150 -24.80 21.36 -5.64
C ALA B 150 -25.68 21.29 -6.89
N ILE B 151 -26.36 20.15 -7.11
CA ILE B 151 -27.26 20.04 -8.25
C ILE B 151 -28.34 21.11 -8.17
N GLU B 152 -29.00 21.19 -7.01
CA GLU B 152 -30.11 22.12 -6.86
C GLU B 152 -29.63 23.57 -6.86
N ALA B 153 -28.44 23.84 -6.31
CA ALA B 153 -27.92 25.20 -6.35
C ALA B 153 -27.46 25.61 -7.74
N ALA B 154 -27.32 24.67 -8.68
CA ALA B 154 -27.01 24.98 -10.07
C ALA B 154 -28.24 25.01 -10.96
N GLY B 155 -29.41 24.72 -10.40
CA GLY B 155 -30.60 24.70 -11.20
C GLY B 155 -30.72 23.53 -12.16
N ILE B 156 -29.98 22.45 -11.91
CA ILE B 156 -29.92 21.32 -12.84
C ILE B 156 -31.10 20.40 -12.52
N PRO B 157 -31.94 20.06 -13.51
CA PRO B 157 -33.05 19.12 -13.24
C PRO B 157 -32.49 17.73 -12.97
N TYR B 158 -33.22 16.94 -12.18
CA TYR B 158 -32.62 15.71 -11.65
C TYR B 158 -33.65 14.59 -11.50
N THR B 159 -33.14 13.37 -11.41
CA THR B 159 -33.90 12.25 -10.85
C THR B 159 -32.97 11.50 -9.92
N TYR B 160 -33.42 11.23 -8.69
CA TYR B 160 -32.65 10.47 -7.71
C TYR B 160 -33.24 9.06 -7.63
N VAL B 161 -32.42 8.06 -7.97
CA VAL B 161 -32.85 6.66 -7.98
C VAL B 161 -32.31 5.99 -6.72
N VAL B 162 -33.23 5.51 -5.86
CA VAL B 162 -32.88 5.02 -4.53
C VAL B 162 -33.72 3.78 -4.20
N GLY B 163 -33.32 3.12 -3.12
CA GLY B 163 -34.26 2.36 -2.31
C GLY B 163 -34.10 0.85 -2.25
N ALA B 164 -33.17 0.24 -3.00
CA ALA B 164 -33.03 -1.21 -3.05
C ALA B 164 -31.60 -1.65 -2.76
N CYS B 165 -31.46 -2.74 -2.00
CA CYS B 165 -30.18 -3.47 -1.89
C CYS B 165 -29.84 -4.16 -3.21
N PHE B 166 -28.59 -3.99 -3.69
CA PHE B 166 -28.12 -4.75 -4.84
C PHE B 166 -28.16 -6.23 -4.47
N ALA B 167 -28.80 -7.04 -5.33
CA ALA B 167 -28.96 -8.47 -5.01
C ALA B 167 -27.62 -9.15 -4.75
N ALA B 168 -26.57 -8.80 -5.51
CA ALA B 168 -25.30 -9.49 -5.35
C ALA B 168 -24.67 -9.26 -3.97
N TYR B 169 -24.88 -8.09 -3.36
CA TYR B 169 -24.27 -7.80 -2.07
C TYR B 169 -25.13 -8.20 -0.87
N PHE B 170 -26.39 -8.55 -1.09
CA PHE B 170 -27.26 -8.73 0.07
C PHE B 170 -28.14 -9.96 -0.02
N ALA B 171 -28.44 -10.43 -1.23
CA ALA B 171 -29.30 -11.58 -1.42
C ALA B 171 -28.51 -12.85 -1.70
N GLY B 172 -27.58 -12.80 -2.66
CA GLY B 172 -26.83 -14.01 -2.99
C GLY B 172 -25.96 -14.56 -1.86
N ASN B 173 -25.70 -13.76 -0.83
CA ASN B 173 -24.95 -14.21 0.34
C ASN B 173 -25.84 -14.42 1.56
N LEU B 174 -27.15 -14.39 1.40
CA LEU B 174 -28.05 -14.48 2.54
C LEU B 174 -27.72 -13.39 3.56
N SER B 175 -27.21 -12.29 3.03
CA SER B 175 -26.92 -11.07 3.78
C SER B 175 -25.76 -11.25 4.76
N GLN B 176 -24.94 -12.30 4.59
CA GLN B 176 -23.74 -12.46 5.40
C GLN B 176 -22.61 -11.56 4.90
N MET B 177 -21.89 -10.97 5.84
CA MET B 177 -20.89 -9.98 5.50
C MET B 177 -19.57 -10.63 5.09
N VAL B 178 -18.85 -9.94 4.22
CA VAL B 178 -17.52 -10.33 3.77
C VAL B 178 -17.59 -11.64 2.99
N THR B 179 -18.76 -11.96 2.45
CA THR B 179 -18.87 -13.04 1.47
C THR B 179 -19.95 -12.69 0.46
N LEU B 180 -19.91 -13.35 -0.69
CA LEU B 180 -20.85 -13.11 -1.78
C LEU B 180 -21.54 -14.39 -2.23
N LEU B 181 -21.42 -15.46 -1.47
CA LEU B 181 -22.02 -16.75 -1.76
C LEU B 181 -22.83 -17.21 -0.55
N PRO B 182 -23.89 -17.99 -0.77
CA PRO B 182 -24.67 -18.51 0.35
C PRO B 182 -23.79 -19.36 1.27
N PRO B 183 -23.97 -19.25 2.58
CA PRO B 183 -23.19 -20.09 3.50
C PRO B 183 -23.60 -21.54 3.38
N LYS B 184 -22.65 -22.43 3.67
CA LYS B 184 -22.89 -23.86 3.49
C LYS B 184 -23.73 -24.45 4.63
N GLU B 185 -23.53 -23.97 5.85
CA GLU B 185 -24.09 -24.65 7.02
C GLU B 185 -24.78 -23.68 7.98
N LYS B 186 -24.11 -22.58 8.28
CA LYS B 186 -24.49 -21.66 9.35
C LYS B 186 -24.77 -20.28 8.77
N VAL B 187 -25.79 -19.61 9.29
CA VAL B 187 -26.12 -18.25 8.87
C VAL B 187 -26.40 -17.40 10.10
N ASN B 188 -25.88 -16.18 10.10
CA ASN B 188 -26.23 -15.20 11.12
C ASN B 188 -27.51 -14.47 10.74
N ILE B 189 -28.48 -14.44 11.65
CA ILE B 189 -29.72 -13.70 11.45
C ILE B 189 -29.64 -12.43 12.29
N TYR B 190 -29.88 -11.28 11.66
CA TYR B 190 -29.77 -10.01 12.37
C TYR B 190 -31.04 -9.76 13.17
N GLY B 191 -30.88 -9.72 14.50
CA GLY B 191 -32.04 -9.65 15.35
C GLY B 191 -32.91 -10.87 15.14
N ASP B 192 -34.23 -10.68 15.20
CA ASP B 192 -35.15 -11.77 14.92
C ASP B 192 -35.21 -12.11 13.44
N GLY B 193 -34.69 -11.24 12.57
CA GLY B 193 -34.73 -11.48 11.15
C GLY B 193 -36.09 -11.23 10.54
N ASN B 194 -36.89 -10.39 11.17
CA ASN B 194 -38.22 -10.11 10.64
C ASN B 194 -38.39 -8.64 10.27
N VAL B 195 -37.31 -7.99 9.88
CA VAL B 195 -37.34 -6.61 9.43
C VAL B 195 -37.31 -6.63 7.91
N LYS B 196 -38.22 -5.91 7.30
CA LYS B 196 -38.34 -5.95 5.85
C LYS B 196 -37.18 -5.23 5.18
N VAL B 197 -36.63 -5.85 4.13
CA VAL B 197 -35.57 -5.28 3.33
C VAL B 197 -36.03 -5.30 1.87
N VAL B 198 -35.52 -4.35 1.08
CA VAL B 198 -35.82 -4.29 -0.35
C VAL B 198 -34.63 -4.85 -1.13
N PHE B 199 -34.89 -5.83 -2.00
CA PHE B 199 -33.86 -6.44 -2.83
C PHE B 199 -34.15 -6.21 -4.30
N ALA B 200 -33.13 -5.92 -5.10
CA ALA B 200 -33.35 -5.86 -6.55
C ALA B 200 -32.12 -6.34 -7.30
N ASP B 201 -32.34 -7.23 -8.28
CA ASP B 201 -31.32 -7.53 -9.27
C ASP B 201 -30.83 -6.24 -9.93
N GLU B 202 -29.51 -6.11 -10.01
CA GLU B 202 -28.91 -4.87 -10.50
C GLU B 202 -29.18 -4.62 -11.97
N ASP B 203 -29.47 -5.66 -12.76
CA ASP B 203 -29.88 -5.44 -14.13
C ASP B 203 -31.26 -4.82 -14.20
N ASP B 204 -32.14 -5.16 -13.25
CA ASP B 204 -33.44 -4.48 -13.18
C ASP B 204 -33.27 -3.04 -12.73
N ILE B 205 -32.41 -2.79 -11.73
CA ILE B 205 -32.11 -1.41 -11.34
C ILE B 205 -31.66 -0.62 -12.56
N ALA B 206 -30.81 -1.25 -13.38
CA ALA B 206 -30.32 -0.60 -14.59
C ALA B 206 -31.47 -0.30 -15.55
N LYS B 207 -32.39 -1.25 -15.72
CA LYS B 207 -33.48 -1.06 -16.68
C LYS B 207 -34.44 0.02 -16.21
N TYR B 208 -34.75 0.05 -14.90
CA TYR B 208 -35.57 1.12 -14.37
C TYR B 208 -34.91 2.49 -14.57
N THR B 209 -33.60 2.56 -14.38
CA THR B 209 -32.87 3.82 -14.60
C THR B 209 -32.99 4.26 -16.06
N ALA B 210 -32.77 3.32 -16.98
CA ALA B 210 -32.90 3.61 -18.40
C ALA B 210 -34.30 4.06 -18.76
N LYS B 211 -35.30 3.53 -18.05
CA LYS B 211 -36.67 3.89 -18.36
C LYS B 211 -37.05 5.22 -17.73
N THR B 212 -36.50 5.53 -16.56
CA THR B 212 -36.96 6.72 -15.85
C THR B 212 -36.25 7.99 -16.32
N LEU B 213 -35.11 7.88 -17.00
CA LEU B 213 -34.27 9.05 -17.19
C LEU B 213 -34.84 10.03 -18.21
N ASN B 214 -35.83 9.65 -19.02
CA ASN B 214 -36.50 10.62 -19.88
C ASN B 214 -38.01 10.59 -19.65
N ASP B 215 -38.44 10.22 -18.45
CA ASP B 215 -39.85 10.09 -18.13
C ASP B 215 -40.32 11.39 -17.49
N PRO B 216 -41.21 12.15 -18.14
CA PRO B 216 -41.66 13.40 -17.50
C PRO B 216 -42.21 13.19 -16.09
N ARG B 217 -42.76 12.01 -15.80
CA ARG B 217 -43.33 11.77 -14.48
C ARG B 217 -42.29 11.88 -13.37
N THR B 218 -41.01 11.70 -13.68
CA THR B 218 -39.96 11.61 -12.66
C THR B 218 -39.00 12.79 -12.71
N LEU B 219 -39.30 13.81 -13.53
CA LEU B 219 -38.52 15.04 -13.55
C LEU B 219 -38.48 15.70 -12.18
N ASN B 220 -37.28 15.93 -11.65
CA ASN B 220 -37.08 16.55 -10.34
C ASN B 220 -37.73 15.77 -9.21
N LYS B 221 -37.66 14.43 -9.30
CA LYS B 221 -38.26 13.57 -8.29
C LYS B 221 -37.25 12.52 -7.84
N THR B 222 -37.53 11.96 -6.67
CA THR B 222 -36.91 10.72 -6.23
C THR B 222 -37.75 9.56 -6.72
N VAL B 223 -37.10 8.58 -7.36
CA VAL B 223 -37.77 7.38 -7.85
C VAL B 223 -37.31 6.23 -6.97
N ASN B 224 -38.26 5.56 -6.33
CA ASN B 224 -37.95 4.43 -5.45
C ASN B 224 -38.02 3.14 -6.23
N ILE B 225 -37.01 2.29 -6.08
CA ILE B 225 -37.02 0.95 -6.63
C ILE B 225 -37.44 0.01 -5.49
N ARG B 226 -38.73 -0.33 -5.45
CA ARG B 226 -39.27 -1.18 -4.38
C ARG B 226 -40.24 -2.19 -4.97
N PRO B 227 -39.71 -3.18 -5.68
CA PRO B 227 -40.57 -4.21 -6.29
C PRO B 227 -41.23 -5.05 -5.22
N PRO B 228 -42.56 -5.14 -5.22
CA PRO B 228 -43.25 -5.67 -4.04
C PRO B 228 -42.90 -7.12 -3.72
N ASP B 229 -42.74 -7.99 -4.72
CA ASP B 229 -42.39 -9.36 -4.41
C ASP B 229 -40.96 -9.49 -3.86
N ASN B 230 -40.18 -8.41 -3.90
CA ASN B 230 -38.79 -8.42 -3.45
C ASN B 230 -38.59 -7.68 -2.13
N VAL B 231 -39.67 -7.35 -1.44
CA VAL B 231 -39.60 -6.79 -0.10
C VAL B 231 -39.69 -7.97 0.86
N LEU B 232 -38.57 -8.32 1.49
CA LEU B 232 -38.48 -9.57 2.24
C LEU B 232 -37.74 -9.34 3.55
N THR B 233 -38.10 -10.11 4.57
CA THR B 233 -37.24 -10.13 5.75
C THR B 233 -36.02 -11.01 5.48
N GLN B 234 -35.00 -10.89 6.34
CA GLN B 234 -33.84 -11.75 6.14
C GLN B 234 -34.21 -13.21 6.35
N LEU B 235 -35.11 -13.48 7.29
CA LEU B 235 -35.58 -14.84 7.49
C LEU B 235 -36.30 -15.35 6.24
N GLU B 236 -37.15 -14.52 5.63
CA GLU B 236 -37.85 -14.91 4.42
C GLU B 236 -36.87 -15.20 3.28
N LEU B 237 -35.83 -14.37 3.15
CA LEU B 237 -34.78 -14.65 2.15
C LEU B 237 -34.11 -15.99 2.43
N VAL B 238 -33.75 -16.24 3.69
CA VAL B 238 -33.07 -17.48 4.04
C VAL B 238 -33.97 -18.68 3.77
N GLN B 239 -35.27 -18.53 4.01
CA GLN B 239 -36.19 -19.63 3.79
C GLN B 239 -36.41 -19.91 2.31
N ILE B 240 -36.27 -18.90 1.45
CA ILE B 240 -36.20 -19.16 0.02
C ILE B 240 -35.06 -20.11 -0.30
N TRP B 241 -33.85 -19.79 0.18
CA TRP B 241 -32.70 -20.66 -0.03
C TRP B 241 -32.94 -22.06 0.54
N GLU B 242 -33.56 -22.12 1.72
CA GLU B 242 -33.77 -23.41 2.36
C GLU B 242 -34.70 -24.29 1.53
N LYS B 243 -35.72 -23.70 0.90
CA LYS B 243 -36.58 -24.48 0.02
C LYS B 243 -35.81 -24.92 -1.22
N LEU B 244 -35.10 -23.99 -1.87
CA LEU B 244 -34.34 -24.34 -3.07
C LEU B 244 -33.38 -25.49 -2.79
N THR B 245 -32.76 -25.52 -1.61
CA THR B 245 -31.74 -26.51 -1.32
C THR B 245 -32.31 -27.77 -0.67
N GLY B 246 -33.47 -27.68 -0.05
CA GLY B 246 -34.00 -28.77 0.74
C GLY B 246 -33.33 -28.97 2.08
N LYS B 247 -32.49 -28.04 2.53
CA LYS B 247 -31.76 -28.14 3.79
C LYS B 247 -32.00 -26.87 4.59
N GLU B 248 -32.32 -27.02 5.87
CA GLU B 248 -32.36 -25.86 6.74
C GLU B 248 -30.95 -25.55 7.24
N LEU B 249 -30.64 -24.26 7.32
CA LEU B 249 -29.37 -23.81 7.85
C LEU B 249 -29.52 -23.63 9.35
N GLU B 250 -28.40 -23.74 10.06
CA GLU B 250 -28.39 -23.42 11.48
C GLU B 250 -28.36 -21.90 11.63
N LYS B 251 -29.39 -21.34 12.26
CA LYS B 251 -29.53 -19.91 12.39
C LYS B 251 -29.14 -19.47 13.79
N THR B 252 -28.27 -18.46 13.87
CA THR B 252 -27.88 -17.83 15.11
C THR B 252 -28.29 -16.36 15.05
N ASN B 253 -29.12 -15.95 16.00
CA ASN B 253 -29.63 -14.58 16.03
C ASN B 253 -28.64 -13.71 16.76
N ILE B 254 -28.32 -12.56 16.16
CA ILE B 254 -27.33 -11.63 16.70
C ILE B 254 -28.09 -10.40 17.16
N ALA B 255 -28.05 -10.12 18.47
CA ALA B 255 -28.67 -8.91 18.98
C ALA B 255 -27.90 -7.68 18.51
N ALA B 256 -28.62 -6.56 18.42
CA ALA B 256 -28.04 -5.32 17.94
C ALA B 256 -26.74 -4.97 18.66
N GLN B 257 -26.79 -4.97 20.00
CA GLN B 257 -25.62 -4.58 20.77
C GLN B 257 -24.43 -5.49 20.47
N ASP B 258 -24.67 -6.77 20.18
CA ASP B 258 -23.57 -7.66 19.86
C ASP B 258 -23.06 -7.47 18.44
N PHE B 259 -23.95 -7.14 17.50
CA PHE B 259 -23.52 -6.84 16.14
C PHE B 259 -22.58 -5.63 16.10
N LEU B 260 -22.90 -4.60 16.87
CA LEU B 260 -22.11 -3.37 16.89
C LEU B 260 -20.94 -3.40 17.87
N ALA B 261 -20.78 -4.48 18.64
CA ALA B 261 -19.72 -4.55 19.63
C ALA B 261 -18.35 -4.23 19.05
N ASN B 262 -17.62 -3.31 19.68
CA ASN B 262 -16.24 -2.97 19.31
C ASN B 262 -16.12 -2.47 17.87
N ILE B 263 -17.19 -1.89 17.33
CA ILE B 263 -17.14 -1.42 15.95
C ILE B 263 -15.98 -0.45 15.75
N GLU B 264 -15.76 0.44 16.72
CA GLU B 264 -14.73 1.48 16.58
C GLU B 264 -13.32 0.91 16.43
N GLN B 265 -13.12 -0.38 16.69
CA GLN B 265 -11.80 -0.99 16.54
C GLN B 265 -11.60 -1.68 15.20
N MET B 266 -12.60 -1.65 14.32
CA MET B 266 -12.49 -2.33 13.03
C MET B 266 -11.81 -1.42 12.00
N GLU B 267 -11.41 -2.02 10.87
CA GLU B 267 -10.98 -1.22 9.72
C GLU B 267 -12.14 -0.35 9.26
N ILE B 268 -11.83 0.86 8.80
CA ILE B 268 -12.87 1.81 8.39
C ILE B 268 -13.86 1.22 7.39
N PRO B 269 -13.43 0.54 6.31
CA PRO B 269 -14.42 0.00 5.38
C PRO B 269 -15.35 -1.00 6.04
N HIS B 270 -14.83 -1.78 6.98
CA HIS B 270 -15.70 -2.73 7.68
C HIS B 270 -16.64 -1.99 8.64
N GLN B 271 -16.14 -0.93 9.31
CA GLN B 271 -17.02 -0.08 10.10
C GLN B 271 -18.17 0.45 9.24
N ALA B 272 -17.87 0.95 8.05
CA ALA B 272 -18.94 1.48 7.20
C ALA B 272 -19.95 0.38 6.87
N GLY B 273 -19.45 -0.81 6.52
CA GLY B 273 -20.36 -1.91 6.20
C GLY B 273 -21.26 -2.27 7.37
N ILE B 274 -20.67 -2.40 8.55
CA ILE B 274 -21.46 -2.75 9.74
C ILE B 274 -22.56 -1.69 9.95
N GLY B 275 -22.18 -0.42 9.86
CA GLY B 275 -23.15 0.65 10.05
C GLY B 275 -24.29 0.56 9.05
N HIS B 276 -23.96 0.32 7.77
CA HIS B 276 -25.00 0.19 6.76
C HIS B 276 -25.88 -1.03 7.02
N PHE B 277 -25.28 -2.20 7.27
CA PHE B 277 -26.08 -3.37 7.59
C PHE B 277 -26.98 -3.11 8.80
N TYR B 278 -26.47 -2.36 9.79
CA TYR B 278 -27.30 -2.02 10.93
C TYR B 278 -28.54 -1.26 10.51
N HIS B 279 -28.38 -0.21 9.68
CA HIS B 279 -29.54 0.59 9.30
C HIS B 279 -30.53 -0.22 8.46
N ILE B 280 -30.01 -1.08 7.59
CA ILE B 280 -30.89 -1.89 6.75
C ILE B 280 -31.62 -2.95 7.58
N PHE B 281 -30.87 -3.78 8.31
CA PHE B 281 -31.45 -5.00 8.83
C PHE B 281 -31.97 -4.89 10.25
N TYR B 282 -31.48 -3.92 11.04
CA TYR B 282 -31.98 -3.70 12.38
C TYR B 282 -32.99 -2.56 12.42
N GLU B 283 -32.68 -1.42 11.80
CA GLU B 283 -33.59 -0.29 11.80
C GLU B 283 -34.60 -0.34 10.65
N GLY B 284 -34.37 -1.17 9.64
CA GLY B 284 -35.31 -1.28 8.53
C GLY B 284 -35.45 -0.01 7.73
N CYS B 285 -34.33 0.67 7.45
CA CYS B 285 -34.40 1.98 6.83
C CYS B 285 -34.94 1.94 5.40
N LEU B 286 -34.95 0.78 4.75
CA LEU B 286 -35.51 0.72 3.40
C LEU B 286 -37.01 0.52 3.39
N THR B 287 -37.63 0.20 4.53
CA THR B 287 -39.06 -0.13 4.58
C THR B 287 -39.79 0.58 5.72
N ASP B 288 -39.13 1.48 6.43
CA ASP B 288 -39.73 2.18 7.56
C ASP B 288 -40.52 3.41 7.13
N HIS B 289 -40.76 3.57 5.84
CA HIS B 289 -41.58 4.63 5.27
C HIS B 289 -42.23 4.08 4.01
N GLU B 290 -43.34 4.70 3.62
CA GLU B 290 -44.05 4.24 2.44
C GLU B 290 -43.86 5.23 1.30
N VAL B 291 -44.04 4.76 0.08
CA VAL B 291 -43.90 5.60 -1.10
C VAL B 291 -45.09 5.38 -2.03
N GLY B 292 -45.45 6.43 -2.78
CA GLY B 292 -46.58 6.34 -3.68
C GLY B 292 -46.27 5.61 -4.99
N GLU B 293 -47.33 5.13 -5.64
CA GLU B 293 -47.18 4.43 -6.90
C GLU B 293 -46.57 5.33 -7.98
N ASP B 294 -46.77 6.64 -7.88
CA ASP B 294 -46.21 7.58 -8.85
C ASP B 294 -44.76 7.94 -8.57
N GLU B 295 -44.12 7.26 -7.60
CA GLU B 295 -42.69 7.46 -7.32
C GLU B 295 -42.00 6.13 -7.01
N GLU B 296 -42.54 5.03 -7.51
CA GLU B 296 -42.00 3.69 -7.33
C GLU B 296 -41.84 3.04 -8.70
N ALA B 297 -40.63 2.52 -8.95
CA ALA B 297 -40.25 2.09 -10.30
C ALA B 297 -41.10 0.95 -10.82
N SER B 298 -41.42 -0.03 -9.98
CA SER B 298 -42.14 -1.19 -10.52
C SER B 298 -43.56 -0.81 -10.91
N SER B 299 -44.16 0.17 -10.22
CA SER B 299 -45.47 0.70 -10.62
C SER B 299 -45.37 1.61 -11.84
N LEU B 300 -44.33 2.44 -11.90
CA LEU B 300 -44.16 3.34 -13.04
C LEU B 300 -43.87 2.58 -14.33
N TYR B 301 -43.15 1.46 -14.24
CA TYR B 301 -42.66 0.71 -15.39
C TYR B 301 -43.06 -0.74 -15.22
N PRO B 302 -44.37 -1.01 -15.29
CA PRO B 302 -44.87 -2.37 -15.03
C PRO B 302 -44.44 -3.36 -16.10
N ASP B 303 -43.95 -2.89 -17.24
CA ASP B 303 -43.46 -3.80 -18.27
C ASP B 303 -42.13 -4.43 -17.92
N VAL B 304 -41.40 -3.91 -16.92
CA VAL B 304 -40.18 -4.56 -16.45
C VAL B 304 -40.59 -5.77 -15.61
N LYS B 305 -40.30 -6.97 -16.10
CA LYS B 305 -40.63 -8.20 -15.38
C LYS B 305 -39.45 -8.51 -14.46
N TYR B 306 -39.46 -7.86 -13.30
CA TYR B 306 -38.28 -7.87 -12.46
C TYR B 306 -38.03 -9.27 -11.89
N LYS B 307 -36.75 -9.61 -11.75
CA LYS B 307 -36.34 -10.91 -11.23
C LYS B 307 -36.64 -11.00 -9.73
N ARG B 308 -37.42 -12.01 -9.36
CA ARG B 308 -37.68 -12.30 -7.94
C ARG B 308 -36.50 -13.07 -7.34
N MET B 309 -36.40 -13.04 -6.01
CA MET B 309 -35.20 -13.55 -5.37
C MET B 309 -35.10 -15.07 -5.38
N ASP B 310 -36.21 -15.80 -5.53
CA ASP B 310 -36.08 -17.24 -5.73
C ASP B 310 -35.34 -17.53 -7.03
N ASP B 311 -35.70 -16.82 -8.10
CA ASP B 311 -35.00 -16.95 -9.37
C ASP B 311 -33.55 -16.50 -9.23
N TYR B 312 -33.34 -15.34 -8.59
CA TYR B 312 -31.96 -14.86 -8.39
C TYR B 312 -31.12 -15.90 -7.66
N LEU B 313 -31.65 -16.46 -6.57
CA LEU B 313 -30.83 -17.37 -5.78
C LEU B 313 -30.52 -18.67 -6.52
N ARG B 314 -31.33 -19.06 -7.50
CA ARG B 314 -31.09 -20.33 -8.21
C ARG B 314 -29.74 -20.35 -8.91
N MET B 315 -29.20 -19.18 -9.26
CA MET B 315 -27.89 -19.13 -9.88
C MET B 315 -26.80 -19.74 -9.00
N PHE B 316 -27.00 -19.78 -7.69
CA PHE B 316 -25.97 -20.21 -6.76
C PHE B 316 -26.07 -21.68 -6.39
N LEU B 317 -27.03 -22.42 -6.96
CA LEU B 317 -27.16 -23.86 -6.68
C LEU B 317 -26.13 -24.70 -7.43
N THR C 10 13.43 34.88 23.51
CA THR C 10 12.34 34.75 22.56
C THR C 10 11.54 33.47 22.75
N ARG C 11 10.22 33.54 22.56
CA ARG C 11 9.33 32.38 22.64
C ARG C 11 9.10 31.86 21.23
N VAL C 12 9.41 30.58 20.99
CA VAL C 12 9.40 30.00 19.66
C VAL C 12 8.51 28.77 19.66
N LEU C 13 7.63 28.68 18.65
CA LEU C 13 6.85 27.48 18.40
C LEU C 13 7.41 26.78 17.17
N VAL C 14 7.73 25.49 17.31
CA VAL C 14 8.22 24.67 16.21
C VAL C 14 7.09 23.74 15.79
N VAL C 15 6.71 23.83 14.51
CA VAL C 15 5.67 23.01 13.92
C VAL C 15 6.35 22.04 12.97
N GLY C 16 6.16 20.75 13.20
CA GLY C 16 6.98 19.72 12.60
C GLY C 16 8.12 19.31 13.50
N ALA C 17 7.90 19.27 14.82
CA ALA C 17 8.97 19.16 15.80
C ALA C 17 9.68 17.81 15.78
N THR C 18 9.02 16.76 15.29
CA THR C 18 9.68 15.46 15.19
C THR C 18 10.21 15.18 13.79
N GLY C 19 10.23 16.20 12.91
CA GLY C 19 10.79 16.01 11.58
C GLY C 19 12.30 15.85 11.60
N TYR C 20 12.86 15.51 10.44
CA TYR C 20 14.31 15.34 10.32
C TYR C 20 15.05 16.64 10.64
N ILE C 21 14.72 17.72 9.93
CA ILE C 21 15.33 18.99 10.32
C ILE C 21 14.60 19.58 11.54
N GLY C 22 13.30 19.28 11.67
CA GLY C 22 12.52 19.86 12.77
C GLY C 22 13.06 19.51 14.15
N LYS C 23 13.36 18.23 14.39
CA LYS C 23 13.86 17.87 15.71
C LYS C 23 15.20 18.54 16.00
N ARG C 24 16.04 18.75 14.98
CA ARG C 24 17.31 19.45 15.20
C ARG C 24 17.08 20.93 15.48
N ILE C 25 16.09 21.52 14.81
CA ILE C 25 15.75 22.91 15.11
C ILE C 25 15.26 23.02 16.54
N VAL C 26 14.42 22.08 16.99
CA VAL C 26 13.96 22.11 18.38
C VAL C 26 15.16 22.14 19.32
N ARG C 27 16.09 21.20 19.15
CA ARG C 27 17.23 21.12 20.06
C ARG C 27 18.13 22.36 19.94
N ALA C 28 18.25 22.92 18.73
CA ALA C 28 19.05 24.14 18.56
C ALA C 28 18.39 25.35 19.23
N CYS C 29 17.06 25.46 19.15
CA CYS C 29 16.37 26.54 19.86
C CYS C 29 16.56 26.42 21.37
N LEU C 30 16.42 25.21 21.91
CA LEU C 30 16.64 24.99 23.33
C LEU C 30 18.05 25.43 23.72
N ALA C 31 19.07 24.92 23.01
CA ALA C 31 20.45 25.25 23.35
C ALA C 31 20.73 26.74 23.20
N GLU C 32 20.05 27.42 22.26
CA GLU C 32 20.26 28.85 22.05
C GLU C 32 19.64 29.69 23.17
N GLY C 33 18.76 29.13 23.98
CA GLY C 33 18.16 29.88 25.05
C GLY C 33 16.73 30.29 24.81
N HIS C 34 16.15 29.91 23.68
CA HIS C 34 14.77 30.29 23.41
C HIS C 34 13.83 29.49 24.30
N GLU C 35 12.73 30.12 24.69
CA GLU C 35 11.63 29.43 25.35
C GLU C 35 10.90 28.66 24.26
N THR C 36 11.12 27.35 24.21
CA THR C 36 10.83 26.57 23.02
C THR C 36 9.56 25.76 23.22
N TYR C 37 8.55 26.03 22.39
CA TYR C 37 7.29 25.30 22.37
C TYR C 37 7.26 24.38 21.17
N VAL C 38 6.65 23.21 21.31
CA VAL C 38 6.58 22.24 20.22
C VAL C 38 5.14 21.79 20.03
N LEU C 39 4.65 21.86 18.79
CA LEU C 39 3.30 21.41 18.49
C LEU C 39 3.25 19.88 18.50
N GLN C 40 2.43 19.32 19.37
CA GLN C 40 2.17 17.89 19.42
C GLN C 40 0.79 17.62 18.84
N ARG C 41 0.74 16.90 17.73
CA ARG C 41 -0.55 16.72 17.10
C ARG C 41 -1.21 15.42 17.55
N PRO C 42 -2.54 15.37 17.53
CA PRO C 42 -3.25 14.29 18.24
C PRO C 42 -3.26 12.93 17.54
N GLU C 43 -2.77 12.81 16.32
CA GLU C 43 -2.95 11.56 15.59
C GLU C 43 -1.83 10.54 15.84
N ILE C 44 -0.93 10.81 16.79
CA ILE C 44 0.33 10.07 16.83
C ILE C 44 0.10 8.58 16.98
N GLY C 45 -0.84 8.17 17.81
CA GLY C 45 -1.15 6.75 17.91
C GLY C 45 0.07 5.98 18.35
N LEU C 46 0.34 4.86 17.67
CA LEU C 46 1.42 3.95 18.04
C LEU C 46 2.77 4.37 17.45
N GLU C 47 2.91 5.63 17.01
CA GLU C 47 4.19 6.12 16.50
C GLU C 47 5.12 6.39 17.68
N ILE C 48 5.71 5.32 18.20
CA ILE C 48 6.48 5.38 19.44
C ILE C 48 7.67 6.33 19.32
N GLU C 49 8.33 6.35 18.15
CA GLU C 49 9.49 7.23 18.01
C GLU C 49 9.09 8.71 18.08
N LYS C 50 7.90 9.06 17.60
CA LYS C 50 7.44 10.43 17.73
C LYS C 50 7.14 10.77 19.18
N VAL C 51 6.40 9.89 19.85
CA VAL C 51 6.07 10.11 21.26
C VAL C 51 7.35 10.28 22.08
N GLN C 52 8.33 9.40 21.87
CA GLN C 52 9.52 9.48 22.70
C GLN C 52 10.36 10.71 22.37
N LEU C 53 10.38 11.15 21.11
CA LEU C 53 11.02 12.42 20.81
C LEU C 53 10.41 13.54 21.63
N PHE C 54 9.07 13.62 21.67
CA PHE C 54 8.44 14.65 22.50
C PHE C 54 8.86 14.50 23.96
N LEU C 55 8.89 13.27 24.48
CA LEU C 55 9.33 13.08 25.87
C LEU C 55 10.75 13.59 26.08
N SER C 56 11.62 13.40 25.09
CA SER C 56 13.00 13.85 25.26
C SER C 56 13.09 15.36 25.17
N PHE C 57 12.25 15.99 24.34
CA PHE C 57 12.18 17.44 24.31
C PHE C 57 11.81 18.01 25.68
N LYS C 58 10.80 17.42 26.33
CA LYS C 58 10.34 17.91 27.63
C LYS C 58 11.46 17.87 28.65
N LYS C 59 12.30 16.83 28.59
CA LYS C 59 13.39 16.73 29.56
C LYS C 59 14.40 17.86 29.41
N LEU C 60 14.41 18.54 28.26
CA LEU C 60 15.30 19.67 28.05
C LEU C 60 14.57 21.01 28.20
N GLY C 61 13.32 21.01 28.66
CA GLY C 61 12.61 22.25 28.92
C GLY C 61 11.67 22.72 27.83
N ALA C 62 11.53 21.96 26.74
CA ALA C 62 10.53 22.33 25.75
C ALA C 62 9.14 22.18 26.36
N ARG C 63 8.21 22.99 25.88
CA ARG C 63 6.84 22.99 26.36
C ARG C 63 5.93 22.43 25.29
N ILE C 64 5.13 21.43 25.66
CA ILE C 64 4.23 20.76 24.72
C ILE C 64 2.99 21.63 24.51
N VAL C 65 2.65 21.87 23.24
CA VAL C 65 1.39 22.51 22.87
C VAL C 65 0.62 21.53 21.99
N GLU C 66 -0.56 21.11 22.45
CA GLU C 66 -1.42 20.27 21.64
C GLU C 66 -2.20 21.13 20.64
N GLY C 67 -2.20 20.70 19.38
CA GLY C 67 -3.00 21.34 18.35
C GLY C 67 -3.05 20.43 17.13
N SER C 68 -3.99 20.75 16.24
CA SER C 68 -4.24 19.93 15.06
C SER C 68 -4.53 20.82 13.85
N PHE C 69 -3.94 20.48 12.71
CA PHE C 69 -4.19 21.26 11.51
C PHE C 69 -5.64 21.15 11.02
N SER C 70 -6.45 20.28 11.63
CA SER C 70 -7.87 20.21 11.34
C SER C 70 -8.70 21.00 12.33
N ASP C 71 -8.06 21.63 13.30
CA ASP C 71 -8.70 22.38 14.38
C ASP C 71 -8.14 23.79 14.31
N HIS C 72 -8.76 24.63 13.47
CA HIS C 72 -8.21 25.96 13.23
C HIS C 72 -7.93 26.70 14.54
N GLN C 73 -8.88 26.68 15.49
CA GLN C 73 -8.69 27.44 16.72
C GLN C 73 -7.56 26.86 17.57
N SER C 74 -7.32 25.55 17.47
CA SER C 74 -6.18 25.00 18.19
C SER C 74 -4.89 25.58 17.66
N LEU C 75 -4.82 25.85 16.35
CA LEU C 75 -3.64 26.51 15.80
C LEU C 75 -3.54 27.96 16.26
N VAL C 76 -4.67 28.68 16.27
CA VAL C 76 -4.66 30.04 16.79
C VAL C 76 -4.16 30.06 18.24
N SER C 77 -4.69 29.16 19.07
CA SER C 77 -4.26 29.14 20.46
C SER C 77 -2.76 28.89 20.56
N ALA C 78 -2.27 27.92 19.78
CA ALA C 78 -0.85 27.58 19.82
C ALA C 78 0.02 28.77 19.45
N VAL C 79 -0.28 29.45 18.33
CA VAL C 79 0.61 30.52 17.88
C VAL C 79 0.47 31.78 18.73
N LYS C 80 -0.61 31.92 19.51
CA LYS C 80 -0.74 33.06 20.41
C LYS C 80 0.21 32.97 21.60
N LEU C 81 0.77 31.78 21.87
CA LEU C 81 1.63 31.58 23.02
C LEU C 81 3.06 32.06 22.79
N VAL C 82 3.44 32.37 21.55
CA VAL C 82 4.85 32.54 21.21
C VAL C 82 5.03 33.80 20.39
N ASP C 83 6.29 34.15 20.19
CA ASP C 83 6.70 35.29 19.36
C ASP C 83 7.06 34.89 17.96
N VAL C 84 7.70 33.74 17.78
CA VAL C 84 8.17 33.30 16.47
C VAL C 84 7.63 31.89 16.22
N VAL C 85 7.24 31.62 14.98
CA VAL C 85 6.85 30.28 14.56
C VAL C 85 7.82 29.79 13.51
N VAL C 86 8.32 28.57 13.68
CA VAL C 86 9.17 27.93 12.69
C VAL C 86 8.47 26.67 12.24
N SER C 87 8.25 26.54 10.94
CA SER C 87 7.66 25.34 10.37
C SER C 87 8.73 24.49 9.68
N ALA C 88 8.76 23.19 10.01
CA ALA C 88 9.63 22.23 9.35
C ALA C 88 8.80 21.18 8.63
N MET C 89 7.67 21.62 8.07
CA MET C 89 6.75 20.74 7.35
C MET C 89 7.46 19.95 6.26
N SER C 90 7.03 18.70 6.10
CA SER C 90 7.64 17.79 5.11
C SER C 90 7.55 18.38 3.71
N GLY C 91 8.55 18.04 2.90
CA GLY C 91 8.62 18.52 1.53
C GLY C 91 9.62 17.73 0.72
N VAL C 92 9.55 16.40 0.86
CA VAL C 92 10.40 15.48 0.11
C VAL C 92 9.52 14.36 -0.42
N HIS C 93 9.48 14.21 -1.75
CA HIS C 93 8.48 13.35 -2.37
C HIS C 93 8.55 11.92 -1.83
N PHE C 94 9.76 11.41 -1.56
CA PHE C 94 9.84 10.01 -1.13
C PHE C 94 9.54 9.84 0.36
N ARG C 95 9.46 10.92 1.14
CA ARG C 95 9.05 10.86 2.53
C ARG C 95 7.61 11.28 2.71
N SER C 96 7.29 12.52 2.36
CA SER C 96 5.95 13.03 2.25
C SER C 96 6.13 14.50 1.90
N HIS C 97 5.18 15.10 1.18
CA HIS C 97 5.39 16.40 0.53
C HIS C 97 4.18 17.28 0.83
N ASN C 98 4.11 17.79 2.05
CA ASN C 98 2.88 18.40 2.55
C ASN C 98 3.05 19.89 2.86
N ILE C 99 3.93 20.55 2.11
CA ILE C 99 4.22 21.99 2.19
C ILE C 99 2.95 22.83 2.29
N LEU C 100 1.97 22.55 1.42
CA LEU C 100 0.76 23.38 1.34
C LEU C 100 -0.11 23.26 2.59
N VAL C 101 0.03 22.19 3.39
CA VAL C 101 -0.68 22.16 4.66
C VAL C 101 -0.33 23.38 5.51
N GLN C 102 0.82 24.01 5.25
CA GLN C 102 1.23 25.20 5.97
C GLN C 102 0.27 26.36 5.77
N LEU C 103 -0.50 26.37 4.67
CA LEU C 103 -1.44 27.46 4.44
C LEU C 103 -2.43 27.58 5.59
N LYS C 104 -2.82 26.46 6.20
CA LYS C 104 -3.70 26.53 7.36
C LYS C 104 -2.99 27.16 8.56
N LEU C 105 -1.68 26.98 8.67
CA LEU C 105 -0.94 27.63 9.74
C LEU C 105 -0.82 29.14 9.50
N VAL C 106 -0.60 29.53 8.25
CA VAL C 106 -0.51 30.96 7.95
C VAL C 106 -1.84 31.64 8.26
N GLU C 107 -2.96 30.95 8.00
CA GLU C 107 -4.28 31.48 8.33
C GLU C 107 -4.43 31.70 9.84
N ALA C 108 -3.96 30.74 10.65
CA ALA C 108 -4.07 30.87 12.09
C ALA C 108 -3.13 31.94 12.64
N ILE C 109 -1.97 32.12 12.00
CA ILE C 109 -1.06 33.20 12.41
C ILE C 109 -1.69 34.55 12.13
N LYS C 110 -2.30 34.70 10.95
CA LYS C 110 -2.95 35.97 10.62
C LYS C 110 -4.03 36.30 11.65
N GLU C 111 -4.87 35.32 11.99
CA GLU C 111 -5.96 35.58 12.93
C GLU C 111 -5.43 35.94 14.31
N ALA C 112 -4.37 35.26 14.76
CA ALA C 112 -3.85 35.51 16.10
C ALA C 112 -3.22 36.89 16.21
N GLY C 113 -2.50 37.32 15.16
CA GLY C 113 -2.01 38.68 15.06
C GLY C 113 -0.78 39.02 15.86
N ASN C 114 -0.37 38.18 16.81
CA ASN C 114 0.74 38.49 17.70
C ASN C 114 2.11 38.04 17.20
N VAL C 115 2.16 37.24 16.14
CA VAL C 115 3.40 36.58 15.77
C VAL C 115 4.38 37.63 15.23
N LYS C 116 5.57 37.70 15.83
CA LYS C 116 6.59 38.65 15.40
C LYS C 116 7.33 38.19 14.15
N ARG C 117 7.44 36.89 13.91
CA ARG C 117 8.13 36.40 12.73
C ARG C 117 7.75 34.94 12.49
N PHE C 118 7.76 34.54 11.22
CA PHE C 118 7.41 33.19 10.81
C PHE C 118 8.46 32.69 9.82
N LEU C 119 9.03 31.52 10.11
CA LEU C 119 9.96 30.90 9.19
C LEU C 119 9.27 29.68 8.59
N PRO C 120 8.80 29.73 7.33
CA PRO C 120 8.16 28.57 6.73
C PRO C 120 9.14 27.46 6.41
N SER C 121 8.64 26.31 5.97
CA SER C 121 9.49 25.16 5.67
C SER C 121 10.20 25.40 4.35
N GLU C 122 11.43 25.92 4.44
CA GLU C 122 12.24 26.25 3.27
C GLU C 122 13.43 25.31 3.28
N PHE C 123 14.61 25.75 3.75
CA PHE C 123 15.74 24.90 4.10
C PHE C 123 16.35 24.19 2.88
N GLY C 124 16.14 24.68 1.68
CA GLY C 124 16.69 24.04 0.49
C GLY C 124 16.98 25.02 -0.62
N MET C 125 16.85 24.54 -1.84
CA MET C 125 16.93 25.44 -2.99
C MET C 125 15.97 26.60 -2.80
N ASP C 126 16.38 27.78 -3.26
CA ASP C 126 15.64 29.03 -3.16
C ASP C 126 14.46 29.02 -4.12
N PRO C 127 13.22 28.92 -3.64
CA PRO C 127 12.07 28.68 -4.54
C PRO C 127 11.97 29.68 -5.69
N PRO C 128 12.00 30.99 -5.41
CA PRO C 128 11.79 31.95 -6.50
C PRO C 128 12.82 31.82 -7.61
N ARG C 129 13.96 31.19 -7.34
CA ARG C 129 14.99 31.00 -8.36
C ARG C 129 14.73 29.78 -9.24
N MET C 130 13.69 28.99 -8.96
CA MET C 130 13.49 27.69 -9.60
C MET C 130 12.26 27.66 -10.50
N GLY C 131 11.90 28.79 -11.13
CA GLY C 131 10.76 28.80 -12.04
C GLY C 131 10.91 27.90 -13.24
N HIS C 132 12.14 27.53 -13.57
CA HIS C 132 12.48 26.68 -14.71
C HIS C 132 12.48 25.20 -14.38
N ALA C 133 12.13 24.83 -13.15
CA ALA C 133 12.43 23.48 -12.67
C ALA C 133 11.62 22.43 -13.41
N LEU C 134 12.17 21.21 -13.44
CA LEU C 134 11.50 20.07 -14.05
C LEU C 134 10.41 19.53 -13.14
N PRO C 135 9.17 19.35 -13.63
CA PRO C 135 8.19 18.50 -12.94
C PRO C 135 8.70 17.06 -12.87
N PRO C 136 8.28 16.30 -11.85
CA PRO C 136 7.45 16.74 -10.73
C PRO C 136 8.29 17.43 -9.65
N GLY C 137 9.61 17.49 -9.87
CA GLY C 137 10.49 18.14 -8.92
C GLY C 137 10.08 19.56 -8.59
N ARG C 138 9.49 20.27 -9.57
CA ARG C 138 9.14 21.66 -9.36
C ARG C 138 8.00 21.86 -8.37
N GLU C 139 7.24 20.80 -8.05
CA GLU C 139 6.18 20.94 -7.05
C GLU C 139 6.73 21.53 -5.76
N THR C 140 7.95 21.14 -5.39
CA THR C 140 8.52 21.65 -4.13
C THR C 140 8.53 23.17 -4.13
N PHE C 141 9.03 23.78 -5.21
CA PHE C 141 9.18 25.23 -5.24
C PHE C 141 7.85 25.93 -5.48
N ASP C 142 7.02 25.39 -6.39
CA ASP C 142 5.69 25.97 -6.61
C ASP C 142 4.90 26.06 -5.31
N GLN C 143 4.94 25.01 -4.49
CA GLN C 143 4.18 24.98 -3.25
C GLN C 143 4.81 25.87 -2.19
N LYS C 144 6.14 25.89 -2.12
CA LYS C 144 6.77 26.82 -1.20
C LYS C 144 6.51 28.27 -1.60
N MET C 145 6.38 28.53 -2.91
CA MET C 145 6.06 29.87 -3.38
C MET C 145 4.64 30.26 -3.01
N GLU C 146 3.71 29.30 -3.05
CA GLU C 146 2.34 29.60 -2.63
C GLU C 146 2.29 29.96 -1.15
N VAL C 147 3.11 29.30 -0.33
CA VAL C 147 3.18 29.62 1.10
C VAL C 147 3.78 31.00 1.31
N ARG C 148 4.90 31.30 0.63
CA ARG C 148 5.49 32.63 0.71
C ARG C 148 4.46 33.71 0.36
N GLN C 149 3.70 33.50 -0.71
CA GLN C 149 2.73 34.49 -1.12
C GLN C 149 1.66 34.67 -0.06
N ALA C 150 1.17 33.56 0.50
CA ALA C 150 0.22 33.66 1.60
C ALA C 150 0.82 34.44 2.76
N ILE C 151 2.08 34.17 3.10
CA ILE C 151 2.76 34.93 4.14
C ILE C 151 2.69 36.41 3.84
N GLU C 152 3.23 36.81 2.67
CA GLU C 152 3.36 38.22 2.37
C GLU C 152 2.01 38.86 2.08
N ALA C 153 1.01 38.07 1.65
CA ALA C 153 -0.33 38.62 1.47
C ALA C 153 -0.93 39.05 2.80
N ALA C 154 -0.78 38.21 3.83
CA ALA C 154 -1.24 38.53 5.18
C ALA C 154 -0.32 39.50 5.91
N GLY C 155 0.82 39.87 5.31
CA GLY C 155 1.72 40.78 5.99
C GLY C 155 2.39 40.23 7.24
N ILE C 156 2.62 38.92 7.29
CA ILE C 156 3.33 38.32 8.42
C ILE C 156 4.83 38.49 8.20
N PRO C 157 5.58 39.02 9.18
CA PRO C 157 7.04 39.13 9.01
C PRO C 157 7.65 37.76 8.91
N TYR C 158 8.79 37.68 8.22
CA TYR C 158 9.27 36.37 7.81
C TYR C 158 10.79 36.37 7.72
N THR C 159 11.33 35.16 7.75
CA THR C 159 12.69 34.88 7.31
C THR C 159 12.66 33.57 6.53
N TYR C 160 13.35 33.56 5.40
CA TYR C 160 13.46 32.38 4.54
C TYR C 160 14.89 31.86 4.63
N VAL C 161 15.06 30.65 5.16
CA VAL C 161 16.37 30.03 5.30
C VAL C 161 16.57 29.06 4.13
N VAL C 162 17.58 29.31 3.31
CA VAL C 162 17.78 28.60 2.06
C VAL C 162 19.27 28.32 1.87
N GLY C 163 19.58 27.43 0.92
CA GLY C 163 20.82 27.50 0.17
C GLY C 163 21.75 26.31 0.27
N ALA C 164 21.61 25.42 1.26
CA ALA C 164 22.57 24.33 1.44
C ALA C 164 21.91 22.96 1.24
N CYS C 165 22.65 22.06 0.59
CA CYS C 165 22.34 20.63 0.64
C CYS C 165 22.57 20.08 2.04
N PHE C 166 21.55 19.43 2.61
CA PHE C 166 21.78 18.68 3.84
C PHE C 166 22.91 17.68 3.62
N ALA C 167 23.88 17.68 4.54
CA ALA C 167 25.05 16.83 4.37
C ALA C 167 24.68 15.35 4.26
N ALA C 168 23.69 14.89 5.03
CA ALA C 168 23.36 13.46 5.05
C ALA C 168 22.89 12.96 3.69
N TYR C 169 22.15 13.78 2.95
CA TYR C 169 21.60 13.36 1.67
C TYR C 169 22.58 13.54 0.52
N PHE C 170 23.64 14.33 0.69
CA PHE C 170 24.49 14.70 -0.45
C PHE C 170 25.99 14.55 -0.21
N ALA C 171 26.46 14.58 1.04
CA ALA C 171 27.90 14.45 1.30
C ALA C 171 28.29 13.04 1.72
N GLY C 172 27.59 12.44 2.69
CA GLY C 172 27.99 11.15 3.20
C GLY C 172 27.93 10.04 2.18
N ASN C 173 27.16 10.24 1.10
CA ASN C 173 27.05 9.26 0.02
C ASN C 173 27.84 9.67 -1.21
N LEU C 174 28.69 10.71 -1.10
CA LEU C 174 29.39 11.27 -2.24
C LEU C 174 28.41 11.60 -3.37
N SER C 175 27.20 12.00 -2.97
CA SER C 175 26.16 12.44 -3.89
C SER C 175 25.64 11.32 -4.79
N GLN C 176 25.90 10.06 -4.46
CA GLN C 176 25.26 8.96 -5.18
C GLN C 176 23.80 8.82 -4.73
N MET C 177 22.91 8.63 -5.69
CA MET C 177 21.48 8.61 -5.37
C MET C 177 21.07 7.25 -4.79
N VAL C 178 19.95 7.27 -4.04
CA VAL C 178 19.33 6.07 -3.49
C VAL C 178 20.28 5.32 -2.55
N THR C 179 21.24 6.03 -1.98
CA THR C 179 22.05 5.50 -0.90
C THR C 179 22.46 6.66 -0.01
N LEU C 180 22.92 6.32 1.21
CA LEU C 180 23.29 7.30 2.20
C LEU C 180 24.69 7.05 2.76
N LEU C 181 25.43 6.11 2.20
CA LEU C 181 26.78 5.75 2.61
C LEU C 181 27.75 5.84 1.44
N PRO C 182 29.03 6.06 1.72
CA PRO C 182 30.02 6.18 0.64
C PRO C 182 30.14 4.89 -0.14
N PRO C 183 30.27 4.98 -1.46
CA PRO C 183 30.43 3.77 -2.28
C PRO C 183 31.79 3.15 -2.03
N LYS C 184 31.88 1.84 -2.27
CA LYS C 184 33.09 1.13 -1.88
C LYS C 184 34.16 1.10 -2.96
N GLU C 185 33.79 1.12 -4.24
CA GLU C 185 34.80 1.02 -5.30
C GLU C 185 34.54 1.98 -6.46
N LYS C 186 33.29 2.07 -6.89
CA LYS C 186 32.91 2.90 -8.02
C LYS C 186 32.09 4.08 -7.55
N VAL C 187 32.14 5.16 -8.31
CA VAL C 187 31.36 6.34 -8.02
C VAL C 187 30.97 6.99 -9.33
N ASN C 188 29.73 7.50 -9.38
CA ASN C 188 29.27 8.26 -10.54
C ASN C 188 29.58 9.73 -10.33
N ILE C 189 30.24 10.33 -11.31
CA ILE C 189 30.52 11.76 -11.31
C ILE C 189 29.55 12.43 -12.26
N TYR C 190 28.83 13.43 -11.77
CA TYR C 190 27.86 14.13 -12.59
C TYR C 190 28.60 15.07 -13.52
N GLY C 191 28.52 14.82 -14.82
CA GLY C 191 29.22 15.68 -15.77
C GLY C 191 30.71 15.62 -15.52
N ASP C 192 31.36 16.79 -15.57
CA ASP C 192 32.78 16.85 -15.25
C ASP C 192 33.04 16.86 -13.74
N GLY C 193 32.01 17.03 -12.92
CA GLY C 193 32.21 17.07 -11.49
C GLY C 193 32.87 18.33 -11.00
N ASN C 194 32.82 19.40 -11.79
CA ASN C 194 33.48 20.65 -11.45
C ASN C 194 32.48 21.78 -11.22
N VAL C 195 31.24 21.44 -10.86
CA VAL C 195 30.20 22.42 -10.57
C VAL C 195 30.12 22.57 -9.06
N LYS C 196 30.13 23.82 -8.58
CA LYS C 196 30.16 24.07 -7.14
C LYS C 196 28.81 23.76 -6.49
N VAL C 197 28.86 23.06 -5.36
CA VAL C 197 27.69 22.72 -4.58
C VAL C 197 27.90 23.18 -3.14
N VAL C 198 26.81 23.56 -2.48
CA VAL C 198 26.87 23.99 -1.08
C VAL C 198 26.42 22.83 -0.19
N PHE C 199 27.28 22.43 0.75
CA PHE C 199 26.99 21.38 1.72
C PHE C 199 26.95 21.98 3.12
N ALA C 200 26.03 21.48 3.96
CA ALA C 200 26.03 21.91 5.36
C ALA C 200 25.53 20.79 6.26
N ASP C 201 26.28 20.53 7.33
CA ASP C 201 25.80 19.65 8.39
C ASP C 201 24.44 20.13 8.88
N GLU C 202 23.49 19.21 9.02
CA GLU C 202 22.14 19.64 9.36
C GLU C 202 22.04 20.21 10.77
N ASP C 203 22.95 19.85 11.67
CA ASP C 203 22.96 20.50 12.98
C ASP C 203 23.39 21.97 12.87
N ASP C 204 24.31 22.29 11.96
CA ASP C 204 24.65 23.68 11.71
C ASP C 204 23.47 24.43 11.10
N ILE C 205 22.73 23.80 10.19
CA ILE C 205 21.55 24.44 9.63
C ILE C 205 20.57 24.81 10.73
N ALA C 206 20.37 23.90 11.67
CA ALA C 206 19.45 24.17 12.77
C ALA C 206 19.98 25.28 13.67
N LYS C 207 21.29 25.28 13.94
CA LYS C 207 21.88 26.32 14.77
C LYS C 207 21.71 27.70 14.12
N TYR C 208 22.03 27.80 12.83
CA TYR C 208 21.80 29.05 12.11
C TYR C 208 20.34 29.48 12.19
N THR C 209 19.42 28.52 12.09
CA THR C 209 18.00 28.83 12.19
C THR C 209 17.66 29.39 13.57
N ALA C 210 18.19 28.78 14.63
CA ALA C 210 17.90 29.26 15.98
C ALA C 210 18.52 30.62 16.22
N LYS C 211 19.65 30.91 15.57
CA LYS C 211 20.30 32.20 15.76
C LYS C 211 19.62 33.29 14.95
N THR C 212 19.05 32.96 13.80
CA THR C 212 18.51 34.00 12.92
C THR C 212 17.07 34.37 13.24
N LEU C 213 16.34 33.55 13.99
CA LEU C 213 14.90 33.78 14.05
C LEU C 213 14.52 35.01 14.85
N ASN C 214 15.45 35.57 15.65
CA ASN C 214 15.23 36.82 16.37
C ASN C 214 16.31 37.85 16.02
N ASP C 215 17.05 37.64 14.95
CA ASP C 215 18.08 38.58 14.53
C ASP C 215 17.45 39.70 13.72
N PRO C 216 17.60 40.96 14.13
CA PRO C 216 17.02 42.07 13.36
C PRO C 216 17.52 42.13 11.93
N ARG C 217 18.77 41.74 11.69
CA ARG C 217 19.33 41.83 10.35
C ARG C 217 18.62 40.94 9.34
N THR C 218 17.88 39.93 9.79
CA THR C 218 17.25 38.95 8.90
C THR C 218 15.74 39.11 8.79
N LEU C 219 15.16 40.07 9.51
CA LEU C 219 13.72 40.30 9.43
C LEU C 219 13.31 40.59 7.99
N ASN C 220 12.30 39.87 7.50
CA ASN C 220 11.79 40.02 6.14
C ASN C 220 12.89 39.86 5.09
N LYS C 221 13.82 38.93 5.34
CA LYS C 221 14.94 38.67 4.45
C LYS C 221 15.03 37.18 4.13
N THR C 222 15.66 36.87 3.01
CA THR C 222 16.14 35.52 2.73
C THR C 222 17.57 35.40 3.23
N VAL C 223 17.83 34.35 4.02
CA VAL C 223 19.16 34.10 4.58
C VAL C 223 19.74 32.87 3.91
N ASN C 224 20.95 33.01 3.37
CA ASN C 224 21.61 31.95 2.64
C ASN C 224 22.60 31.25 3.54
N ILE C 225 22.45 29.93 3.69
CA ILE C 225 23.45 29.10 4.35
C ILE C 225 24.44 28.68 3.27
N ARG C 226 25.59 29.34 3.24
CA ARG C 226 26.63 29.07 2.25
C ARG C 226 27.99 29.21 2.91
N PRO C 227 28.34 28.27 3.78
CA PRO C 227 29.63 28.34 4.49
C PRO C 227 30.79 28.17 3.52
N PRO C 228 31.75 29.10 3.51
CA PRO C 228 32.72 29.13 2.40
C PRO C 228 33.52 27.86 2.23
N ASP C 229 33.98 27.24 3.33
CA ASP C 229 34.80 26.05 3.19
C ASP C 229 34.01 24.84 2.69
N ASN C 230 32.69 24.95 2.63
CA ASN C 230 31.84 23.83 2.25
C ASN C 230 31.25 24.01 0.84
N VAL C 231 31.72 25.00 0.10
CA VAL C 231 31.34 25.15 -1.30
C VAL C 231 32.34 24.34 -2.11
N LEU C 232 31.90 23.18 -2.58
CA LEU C 232 32.79 22.19 -3.17
C LEU C 232 32.16 21.63 -4.43
N THR C 233 32.99 21.29 -5.40
CA THR C 233 32.51 20.49 -6.51
C THR C 233 32.35 19.04 -6.05
N GLN C 234 31.57 18.26 -6.80
CA GLN C 234 31.42 16.86 -6.42
C GLN C 234 32.77 16.15 -6.46
N LEU C 235 33.62 16.50 -7.44
CA LEU C 235 34.94 15.89 -7.49
C LEU C 235 35.77 16.28 -6.29
N GLU C 236 35.72 17.54 -5.89
CA GLU C 236 36.38 17.97 -4.65
C GLU C 236 35.89 17.13 -3.47
N LEU C 237 34.57 16.94 -3.36
CA LEU C 237 34.03 16.11 -2.28
C LEU C 237 34.58 14.69 -2.36
N VAL C 238 34.59 14.10 -3.56
CA VAL C 238 35.06 12.74 -3.71
C VAL C 238 36.53 12.65 -3.37
N GLN C 239 37.30 13.69 -3.69
CA GLN C 239 38.72 13.64 -3.39
C GLN C 239 38.99 13.75 -1.89
N ILE C 240 38.12 14.44 -1.14
CA ILE C 240 38.25 14.42 0.31
C ILE C 240 38.15 12.99 0.83
N TRP C 241 37.15 12.25 0.35
CA TRP C 241 36.98 10.87 0.78
C TRP C 241 38.15 9.99 0.38
N GLU C 242 38.68 10.19 -0.83
CA GLU C 242 39.81 9.37 -1.26
C GLU C 242 41.02 9.63 -0.39
N LYS C 243 41.25 10.88 0.02
CA LYS C 243 42.35 11.17 0.93
C LYS C 243 42.13 10.51 2.29
N LEU C 244 40.91 10.59 2.82
CA LEU C 244 40.64 10.01 4.13
C LEU C 244 40.84 8.50 4.13
N THR C 245 40.39 7.82 3.07
CA THR C 245 40.49 6.37 3.01
C THR C 245 41.80 5.87 2.41
N GLY C 246 42.54 6.73 1.72
CA GLY C 246 43.74 6.30 1.03
C GLY C 246 43.52 5.39 -0.16
N LYS C 247 42.28 5.23 -0.63
CA LYS C 247 41.99 4.43 -1.81
C LYS C 247 41.33 5.30 -2.87
N GLU C 248 41.70 5.09 -4.12
CA GLU C 248 41.15 5.86 -5.22
C GLU C 248 39.88 5.19 -5.74
N LEU C 249 38.84 5.99 -5.94
CA LEU C 249 37.56 5.48 -6.43
C LEU C 249 37.53 5.54 -7.95
N GLU C 250 37.08 4.45 -8.56
CA GLU C 250 36.89 4.41 -10.00
C GLU C 250 35.72 5.29 -10.37
N LYS C 251 35.98 6.32 -11.17
CA LYS C 251 35.00 7.34 -11.49
C LYS C 251 34.45 7.15 -12.88
N THR C 252 33.14 7.28 -13.02
CA THR C 252 32.47 7.25 -14.31
C THR C 252 31.69 8.56 -14.44
N ASN C 253 32.00 9.32 -15.49
CA ASN C 253 31.34 10.60 -15.70
C ASN C 253 30.03 10.39 -16.45
N ILE C 254 28.97 11.02 -15.97
CA ILE C 254 27.62 10.84 -16.51
C ILE C 254 27.22 12.12 -17.21
N ALA C 255 27.05 12.07 -18.53
CA ALA C 255 26.60 13.25 -19.25
C ALA C 255 25.16 13.58 -18.88
N ALA C 256 24.84 14.89 -18.93
CA ALA C 256 23.50 15.36 -18.60
C ALA C 256 22.42 14.58 -19.33
N GLN C 257 22.61 14.37 -20.65
CA GLN C 257 21.58 13.69 -21.41
C GLN C 257 21.41 12.24 -20.97
N ASP C 258 22.49 11.60 -20.53
CA ASP C 258 22.40 10.23 -20.04
C ASP C 258 21.83 10.16 -18.62
N PHE C 259 22.05 11.20 -17.81
CA PHE C 259 21.50 11.23 -16.46
C PHE C 259 19.98 11.39 -16.47
N LEU C 260 19.46 12.18 -17.43
CA LEU C 260 18.04 12.46 -17.53
C LEU C 260 17.30 11.46 -18.41
N ALA C 261 17.99 10.50 -19.00
CA ALA C 261 17.37 9.61 -19.97
C ALA C 261 16.21 8.84 -19.40
N ASN C 262 15.06 8.90 -20.08
CA ASN C 262 13.88 8.11 -19.69
C ASN C 262 13.35 8.50 -18.30
N ILE C 263 13.63 9.74 -17.87
CA ILE C 263 13.13 10.19 -16.58
C ILE C 263 11.62 10.04 -16.49
N GLU C 264 10.91 10.36 -17.57
CA GLU C 264 9.45 10.28 -17.56
C GLU C 264 8.93 8.89 -17.22
N GLN C 265 9.77 7.84 -17.25
CA GLN C 265 9.29 6.50 -16.94
C GLN C 265 9.56 6.06 -15.50
N MET C 266 10.25 6.89 -14.71
CA MET C 266 10.58 6.55 -13.33
C MET C 266 9.41 6.84 -12.40
N GLU C 267 9.44 6.25 -11.21
CA GLU C 267 8.47 6.60 -10.19
C GLU C 267 8.56 8.09 -9.87
N ILE C 268 7.42 8.69 -9.56
CA ILE C 268 7.38 10.14 -9.31
C ILE C 268 8.44 10.58 -8.30
N PRO C 269 8.60 9.93 -7.14
CA PRO C 269 9.61 10.42 -6.17
C PRO C 269 11.02 10.39 -6.75
N HIS C 270 11.33 9.39 -7.58
CA HIS C 270 12.65 9.34 -8.19
C HIS C 270 12.80 10.39 -9.29
N GLN C 271 11.72 10.65 -10.04
CA GLN C 271 11.73 11.77 -10.97
C GLN C 271 12.04 13.07 -10.26
N ALA C 272 11.38 13.33 -9.13
CA ALA C 272 11.68 14.54 -8.37
C ALA C 272 13.15 14.56 -7.95
N GLY C 273 13.67 13.42 -7.49
CA GLY C 273 15.06 13.38 -7.09
C GLY C 273 16.00 13.70 -8.25
N ILE C 274 15.81 13.04 -9.39
CA ILE C 274 16.66 13.29 -10.54
C ILE C 274 16.61 14.76 -10.95
N GLY C 275 15.40 15.33 -10.98
CA GLY C 275 15.27 16.74 -11.31
C GLY C 275 16.11 17.63 -10.41
N HIS C 276 15.95 17.48 -9.09
CA HIS C 276 16.73 18.28 -8.15
C HIS C 276 18.22 18.05 -8.33
N PHE C 277 18.66 16.78 -8.40
CA PHE C 277 20.09 16.54 -8.58
C PHE C 277 20.60 17.21 -9.86
N TYR C 278 19.75 17.27 -10.89
CA TYR C 278 20.17 17.94 -12.12
C TYR C 278 20.42 19.42 -11.88
N HIS C 279 19.46 20.11 -11.27
CA HIS C 279 19.62 21.53 -11.00
C HIS C 279 20.85 21.80 -10.15
N ILE C 280 21.14 20.90 -9.21
CA ILE C 280 22.20 21.15 -8.24
C ILE C 280 23.57 20.86 -8.85
N PHE C 281 23.74 19.69 -9.47
CA PHE C 281 25.05 19.21 -9.87
C PHE C 281 25.37 19.46 -11.33
N TYR C 282 24.37 19.66 -12.18
CA TYR C 282 24.61 20.05 -13.57
C TYR C 282 24.45 21.55 -13.74
N GLU C 283 23.28 22.09 -13.40
CA GLU C 283 23.04 23.52 -13.58
C GLU C 283 23.72 24.37 -12.52
N GLY C 284 24.08 23.80 -11.38
CA GLY C 284 24.72 24.55 -10.30
C GLY C 284 23.85 25.62 -9.65
N CYS C 285 22.59 25.32 -9.34
CA CYS C 285 21.68 26.34 -8.85
C CYS C 285 22.08 26.94 -7.52
N LEU C 286 22.85 26.21 -6.71
CA LEU C 286 23.18 26.70 -5.38
C LEU C 286 24.31 27.71 -5.38
N THR C 287 25.05 27.83 -6.49
CA THR C 287 26.23 28.67 -6.54
C THR C 287 26.24 29.60 -7.76
N ASP C 288 25.19 29.62 -8.56
CA ASP C 288 25.19 30.40 -9.80
C ASP C 288 24.80 31.85 -9.59
N HIS C 289 24.87 32.33 -8.34
CA HIS C 289 24.51 33.68 -7.98
C HIS C 289 25.25 34.00 -6.69
N GLU C 290 25.76 35.21 -6.57
CA GLU C 290 26.50 35.56 -5.37
C GLU C 290 25.57 36.21 -4.34
N VAL C 291 25.92 36.02 -3.08
CA VAL C 291 25.20 36.61 -1.95
C VAL C 291 26.21 37.37 -1.09
N GLY C 292 25.73 38.40 -0.41
CA GLY C 292 26.58 39.20 0.43
C GLY C 292 26.74 38.63 1.83
N GLU C 293 27.82 39.04 2.51
CA GLU C 293 28.05 38.59 3.87
C GLU C 293 26.90 38.97 4.78
N ASP C 294 26.18 40.06 4.46
CA ASP C 294 25.06 40.52 5.26
C ASP C 294 23.81 39.67 5.06
N GLU C 295 23.81 38.72 4.12
CA GLU C 295 22.72 37.78 3.93
C GLU C 295 23.22 36.33 3.91
N GLU C 296 24.36 36.06 4.53
CA GLU C 296 24.92 34.71 4.56
C GLU C 296 25.16 34.31 6.01
N ALA C 297 24.69 33.11 6.36
CA ALA C 297 24.61 32.72 7.77
C ALA C 297 25.98 32.63 8.42
N SER C 298 26.97 32.07 7.71
CA SER C 298 28.26 31.90 8.36
C SER C 298 28.91 33.25 8.66
N SER C 299 28.67 34.25 7.79
CA SER C 299 29.15 35.60 8.06
C SER C 299 28.31 36.27 9.16
N LEU C 300 26.99 36.13 9.09
CA LEU C 300 26.13 36.72 10.10
C LEU C 300 26.41 36.13 11.49
N TYR C 301 26.77 34.86 11.56
CA TYR C 301 26.95 34.15 12.83
C TYR C 301 28.31 33.46 12.83
N PRO C 302 29.39 34.23 12.88
CA PRO C 302 30.73 33.64 12.78
C PRO C 302 31.16 32.86 14.01
N ASP C 303 30.40 32.93 15.11
CA ASP C 303 30.68 32.13 16.29
C ASP C 303 30.33 30.66 16.09
N VAL C 304 29.56 30.33 15.05
CA VAL C 304 29.21 28.95 14.71
C VAL C 304 30.38 28.36 13.94
N LYS C 305 31.15 27.48 14.60
CA LYS C 305 32.27 26.82 13.94
C LYS C 305 31.69 25.65 13.14
N TYR C 306 31.26 25.95 11.92
CA TYR C 306 30.49 24.96 11.17
C TYR C 306 31.35 23.76 10.81
N LYS C 307 30.73 22.58 10.74
CA LYS C 307 31.47 21.37 10.45
C LYS C 307 31.84 21.33 8.97
N ARG C 308 33.12 21.15 8.70
CA ARG C 308 33.60 21.00 7.33
C ARG C 308 33.36 19.57 6.85
N MET C 309 33.29 19.42 5.53
CA MET C 309 32.92 18.12 4.96
C MET C 309 33.97 17.05 5.21
N ASP C 310 35.24 17.41 5.41
CA ASP C 310 36.21 16.38 5.78
C ASP C 310 35.88 15.82 7.16
N ASP C 311 35.57 16.69 8.13
CA ASP C 311 35.17 16.19 9.44
C ASP C 311 33.86 15.40 9.34
N TYR C 312 32.92 15.86 8.52
CA TYR C 312 31.65 15.14 8.36
C TYR C 312 31.89 13.74 7.83
N LEU C 313 32.70 13.62 6.77
CA LEU C 313 32.96 12.33 6.17
C LEU C 313 33.71 11.39 7.11
N ARG C 314 34.48 11.92 8.06
CA ARG C 314 35.23 11.05 8.95
C ARG C 314 34.31 10.16 9.78
N MET C 315 33.06 10.56 9.99
CA MET C 315 32.14 9.69 10.73
C MET C 315 31.89 8.38 10.01
N PHE C 316 32.12 8.33 8.70
CA PHE C 316 31.80 7.16 7.91
C PHE C 316 32.96 6.17 7.78
N LEU C 317 34.13 6.50 8.32
CA LEU C 317 35.26 5.57 8.28
C LEU C 317 35.08 4.51 9.35
N LYS D 9 37.41 -8.91 28.53
CA LYS D 9 36.41 -8.06 27.88
C LYS D 9 35.59 -8.86 26.85
N THR D 10 34.27 -8.89 27.05
CA THR D 10 33.39 -9.71 26.23
C THR D 10 33.11 -9.05 24.88
N ARG D 11 33.16 -9.85 23.82
CA ARG D 11 32.80 -9.40 22.48
C ARG D 11 31.38 -9.84 22.18
N VAL D 12 30.51 -8.86 21.86
CA VAL D 12 29.09 -9.11 21.63
C VAL D 12 28.70 -8.56 20.26
N LEU D 13 27.92 -9.32 19.53
CA LEU D 13 27.35 -8.88 18.26
C LEU D 13 25.84 -8.72 18.44
N VAL D 14 25.33 -7.51 18.22
CA VAL D 14 23.89 -7.25 18.29
C VAL D 14 23.31 -7.26 16.90
N VAL D 15 22.30 -8.13 16.69
CA VAL D 15 21.62 -8.29 15.42
C VAL D 15 20.22 -7.73 15.57
N GLY D 16 19.90 -6.71 14.77
CA GLY D 16 18.72 -5.88 14.96
C GLY D 16 19.07 -4.64 15.76
N ALA D 17 20.25 -4.08 15.48
CA ALA D 17 20.83 -3.05 16.31
C ALA D 17 20.08 -1.72 16.22
N THR D 18 19.28 -1.49 15.18
CA THR D 18 18.48 -0.28 15.10
C THR D 18 17.05 -0.50 15.51
N GLY D 19 16.73 -1.66 16.11
CA GLY D 19 15.39 -1.89 16.58
C GLY D 19 15.07 -1.11 17.85
N TYR D 20 13.80 -1.21 18.24
CA TYR D 20 13.34 -0.51 19.42
C TYR D 20 14.10 -0.97 20.67
N ILE D 21 14.08 -2.28 20.97
CA ILE D 21 14.89 -2.76 22.09
C ILE D 21 16.34 -2.96 21.65
N GLY D 22 16.55 -3.28 20.37
CA GLY D 22 17.91 -3.47 19.89
C GLY D 22 18.82 -2.29 20.14
N LYS D 23 18.38 -1.08 19.80
CA LYS D 23 19.28 0.06 19.94
C LYS D 23 19.62 0.30 21.41
N ARG D 24 18.66 0.08 22.31
CA ARG D 24 18.94 0.23 23.74
C ARG D 24 19.93 -0.82 24.21
N ILE D 25 19.83 -2.04 23.68
CA ILE D 25 20.77 -3.09 24.03
C ILE D 25 22.18 -2.73 23.56
N VAL D 26 22.28 -2.11 22.39
CA VAL D 26 23.60 -1.71 21.89
C VAL D 26 24.24 -0.73 22.86
N ARG D 27 23.50 0.31 23.24
CA ARG D 27 24.02 1.31 24.17
C ARG D 27 24.34 0.70 25.52
N ALA D 28 23.48 -0.19 26.00
CA ALA D 28 23.70 -0.83 27.29
C ALA D 28 24.98 -1.67 27.27
N CYS D 29 25.21 -2.40 26.16
CA CYS D 29 26.43 -3.19 26.04
C CYS D 29 27.66 -2.30 26.06
N LEU D 30 27.64 -1.21 25.29
CA LEU D 30 28.74 -0.26 25.33
C LEU D 30 28.97 0.26 26.75
N ALA D 31 27.89 0.69 27.42
CA ALA D 31 28.04 1.26 28.76
C ALA D 31 28.55 0.22 29.74
N GLU D 32 28.21 -1.05 29.53
CA GLU D 32 28.64 -2.11 30.42
C GLU D 32 30.12 -2.44 30.25
N GLY D 33 30.73 -2.04 29.13
CA GLY D 33 32.14 -2.30 28.89
C GLY D 33 32.42 -3.40 27.90
N HIS D 34 31.40 -4.01 27.31
CA HIS D 34 31.62 -5.03 26.29
C HIS D 34 32.20 -4.39 25.03
N GLU D 35 33.00 -5.17 24.32
CA GLU D 35 33.41 -4.82 22.97
C GLU D 35 32.23 -5.13 22.06
N THR D 36 31.51 -4.09 21.63
CA THR D 36 30.20 -4.25 21.03
C THR D 36 30.28 -4.12 19.51
N TYR D 37 29.90 -5.19 18.80
CA TYR D 37 29.76 -5.20 17.36
C TYR D 37 28.28 -5.09 17.01
N VAL D 38 27.98 -4.39 15.91
CA VAL D 38 26.61 -4.26 15.43
C VAL D 38 26.54 -4.68 13.97
N LEU D 39 25.51 -5.45 13.64
CA LEU D 39 25.32 -5.92 12.27
C LEU D 39 24.58 -4.87 11.45
N GLN D 40 25.21 -4.40 10.37
CA GLN D 40 24.59 -3.46 9.46
C GLN D 40 24.26 -4.17 8.16
N ARG D 41 22.98 -4.30 7.86
CA ARG D 41 22.56 -5.04 6.67
C ARG D 41 22.50 -4.10 5.45
N PRO D 42 22.54 -4.66 4.23
CA PRO D 42 23.03 -3.87 3.09
C PRO D 42 22.06 -2.91 2.41
N GLU D 43 20.76 -3.23 2.29
CA GLU D 43 19.92 -2.35 1.49
C GLU D 43 19.15 -1.36 2.36
N ILE D 44 19.83 -0.74 3.33
CA ILE D 44 19.22 0.33 4.11
C ILE D 44 18.60 1.38 3.21
N GLY D 45 19.21 1.62 2.05
CA GLY D 45 18.66 2.61 1.13
C GLY D 45 18.61 3.99 1.76
N LEU D 46 17.49 4.69 1.52
CA LEU D 46 17.30 6.04 2.01
C LEU D 46 16.76 6.08 3.44
N GLU D 47 16.86 4.98 4.19
CA GLU D 47 16.36 4.96 5.57
C GLU D 47 17.36 5.69 6.45
N ILE D 48 17.25 7.01 6.44
CA ILE D 48 18.27 7.86 7.04
C ILE D 48 18.36 7.65 8.55
N GLU D 49 17.23 7.38 9.22
CA GLU D 49 17.26 7.22 10.67
C GLU D 49 18.06 5.99 11.07
N LYS D 50 18.00 4.93 10.26
CA LYS D 50 18.82 3.74 10.54
C LYS D 50 20.29 4.06 10.35
N VAL D 51 20.63 4.73 9.24
CA VAL D 51 22.02 5.05 8.97
C VAL D 51 22.59 5.93 10.07
N GLN D 52 21.82 6.91 10.52
CA GLN D 52 22.38 7.80 11.53
C GLN D 52 22.41 7.15 12.91
N LEU D 53 21.52 6.19 13.17
CA LEU D 53 21.67 5.37 14.37
C LEU D 53 23.00 4.63 14.34
N PHE D 54 23.32 3.98 13.23
CA PHE D 54 24.59 3.28 13.13
C PHE D 54 25.76 4.23 13.38
N LEU D 55 25.68 5.45 12.82
CA LEU D 55 26.77 6.40 13.03
C LEU D 55 26.92 6.74 14.51
N SER D 56 25.80 6.93 15.21
CA SER D 56 25.88 7.22 16.63
C SER D 56 26.44 6.03 17.41
N PHE D 57 26.14 4.80 16.98
CA PHE D 57 26.78 3.63 17.59
C PHE D 57 28.29 3.72 17.43
N LYS D 58 28.78 3.95 16.21
CA LYS D 58 30.21 4.10 15.98
C LYS D 58 30.82 5.13 16.91
N LYS D 59 30.19 6.30 17.02
CA LYS D 59 30.74 7.35 17.87
C LYS D 59 30.92 6.89 19.30
N LEU D 60 30.03 6.01 19.77
CA LEU D 60 30.10 5.49 21.14
C LEU D 60 31.09 4.35 21.29
N GLY D 61 31.69 3.88 20.20
CA GLY D 61 32.66 2.79 20.24
C GLY D 61 32.22 1.49 19.62
N ALA D 62 30.99 1.39 19.11
CA ALA D 62 30.54 0.18 18.45
C ALA D 62 31.33 -0.05 17.17
N ARG D 63 31.47 -1.31 16.78
CA ARG D 63 32.15 -1.70 15.55
C ARG D 63 31.12 -2.21 14.56
N ILE D 64 31.13 -1.67 13.34
CA ILE D 64 30.20 -2.09 12.31
C ILE D 64 30.68 -3.40 11.71
N VAL D 65 29.76 -4.34 11.56
CA VAL D 65 29.99 -5.59 10.85
C VAL D 65 28.93 -5.68 9.78
N GLU D 66 29.33 -5.62 8.51
CA GLU D 66 28.38 -5.76 7.43
C GLU D 66 28.01 -7.22 7.24
N GLY D 67 26.74 -7.46 6.99
CA GLY D 67 26.27 -8.80 6.72
C GLY D 67 24.80 -8.75 6.38
N SER D 68 24.33 -9.84 5.76
CA SER D 68 22.98 -9.90 5.22
C SER D 68 22.37 -11.26 5.52
N PHE D 69 21.07 -11.27 5.82
CA PHE D 69 20.43 -12.53 6.14
C PHE D 69 20.25 -13.42 4.92
N SER D 70 20.38 -12.86 3.71
CA SER D 70 20.33 -13.65 2.49
C SER D 70 21.73 -14.04 2.00
N ASP D 71 22.76 -13.89 2.83
CA ASP D 71 24.14 -14.28 2.51
C ASP D 71 24.65 -15.09 3.69
N HIS D 72 24.46 -16.40 3.64
CA HIS D 72 24.79 -17.23 4.78
C HIS D 72 26.23 -17.01 5.24
N GLN D 73 27.17 -16.94 4.30
CA GLN D 73 28.57 -16.80 4.70
C GLN D 73 28.83 -15.49 5.44
N SER D 74 28.15 -14.41 5.05
CA SER D 74 28.34 -13.15 5.77
C SER D 74 27.91 -13.28 7.22
N LEU D 75 26.85 -14.06 7.49
CA LEU D 75 26.45 -14.30 8.87
C LEU D 75 27.50 -15.10 9.63
N VAL D 76 28.10 -16.10 8.98
CA VAL D 76 29.11 -16.90 9.66
C VAL D 76 30.31 -16.03 10.02
N SER D 77 30.77 -15.23 9.06
CA SER D 77 31.90 -14.34 9.33
C SER D 77 31.60 -13.41 10.49
N ALA D 78 30.37 -12.88 10.56
CA ALA D 78 30.03 -11.93 11.61
C ALA D 78 30.07 -12.57 12.99
N VAL D 79 29.40 -13.71 13.15
CA VAL D 79 29.35 -14.34 14.46
C VAL D 79 30.73 -14.86 14.87
N LYS D 80 31.59 -15.20 13.91
CA LYS D 80 32.94 -15.65 14.25
C LYS D 80 33.75 -14.58 14.95
N LEU D 81 33.33 -13.32 14.86
CA LEU D 81 34.10 -12.22 15.44
C LEU D 81 33.85 -12.03 16.93
N VAL D 82 32.82 -12.66 17.51
CA VAL D 82 32.40 -12.33 18.87
C VAL D 82 32.27 -13.60 19.69
N ASP D 83 32.10 -13.41 21.00
CA ASP D 83 31.80 -14.49 21.93
C ASP D 83 30.32 -14.66 22.18
N VAL D 84 29.55 -13.58 22.14
CA VAL D 84 28.12 -13.61 22.43
C VAL D 84 27.37 -12.95 21.28
N VAL D 85 26.23 -13.54 20.90
CA VAL D 85 25.31 -12.92 19.95
C VAL D 85 24.01 -12.63 20.67
N VAL D 86 23.50 -11.42 20.48
CA VAL D 86 22.19 -11.00 20.97
C VAL D 86 21.35 -10.58 19.78
N SER D 87 20.17 -11.20 19.64
CA SER D 87 19.25 -10.90 18.55
C SER D 87 18.04 -10.15 19.10
N ALA D 88 17.71 -9.02 18.48
CA ALA D 88 16.53 -8.25 18.84
C ALA D 88 15.58 -8.16 17.67
N MET D 89 15.49 -9.28 16.92
CA MET D 89 14.67 -9.36 15.72
C MET D 89 13.23 -8.98 16.02
N SER D 90 12.60 -8.32 15.05
CA SER D 90 11.23 -7.84 15.21
C SER D 90 10.29 -8.97 15.60
N GLY D 91 9.26 -8.62 16.38
CA GLY D 91 8.33 -9.59 16.94
C GLY D 91 6.95 -9.06 17.28
N VAL D 92 6.57 -7.95 16.67
CA VAL D 92 5.30 -7.27 16.93
C VAL D 92 4.54 -7.15 15.62
N HIS D 93 3.27 -7.59 15.64
CA HIS D 93 2.53 -7.71 14.38
C HIS D 93 2.37 -6.36 13.68
N PHE D 94 2.08 -5.30 14.43
CA PHE D 94 1.85 -4.01 13.76
C PHE D 94 3.14 -3.32 13.34
N ARG D 95 4.30 -3.85 13.72
CA ARG D 95 5.59 -3.35 13.25
C ARG D 95 6.14 -4.30 12.18
N SER D 96 6.74 -5.41 12.59
CA SER D 96 6.98 -6.53 11.69
C SER D 96 7.28 -7.74 12.57
N HIS D 97 7.04 -8.94 12.04
CA HIS D 97 7.04 -10.16 12.85
C HIS D 97 7.93 -11.20 12.17
N ASN D 98 9.25 -11.01 12.25
CA ASN D 98 10.21 -11.83 11.49
C ASN D 98 11.10 -12.66 12.41
N ILE D 99 10.51 -13.13 13.52
CA ILE D 99 11.20 -13.99 14.48
C ILE D 99 11.88 -15.15 13.79
N LEU D 100 11.15 -15.85 12.91
CA LEU D 100 11.71 -17.03 12.25
C LEU D 100 12.95 -16.72 11.41
N VAL D 101 13.12 -15.48 10.97
CA VAL D 101 14.31 -15.15 10.20
C VAL D 101 15.57 -15.45 11.01
N GLN D 102 15.46 -15.47 12.35
CA GLN D 102 16.59 -15.83 13.19
C GLN D 102 17.10 -17.25 12.92
N LEU D 103 16.26 -18.13 12.39
CA LEU D 103 16.70 -19.50 12.11
C LEU D 103 17.99 -19.49 11.27
N LYS D 104 18.07 -18.58 10.29
CA LYS D 104 19.29 -18.43 9.51
C LYS D 104 20.47 -18.02 10.38
N LEU D 105 20.23 -17.22 11.42
CA LEU D 105 21.32 -16.85 12.34
C LEU D 105 21.72 -18.05 13.20
N VAL D 106 20.76 -18.89 13.56
CA VAL D 106 21.10 -20.10 14.31
C VAL D 106 21.97 -21.01 13.47
N GLU D 107 21.59 -21.19 12.19
CA GLU D 107 22.42 -22.00 11.29
C GLU D 107 23.83 -21.43 11.18
N ALA D 108 23.95 -20.11 11.04
CA ALA D 108 25.27 -19.50 10.94
C ALA D 108 26.08 -19.72 12.21
N ILE D 109 25.42 -19.61 13.37
CA ILE D 109 26.12 -19.77 14.64
C ILE D 109 26.55 -21.22 14.83
N LYS D 110 25.70 -22.17 14.46
CA LYS D 110 26.08 -23.57 14.48
C LYS D 110 27.35 -23.81 13.67
N GLU D 111 27.40 -23.28 12.44
CA GLU D 111 28.57 -23.50 11.59
C GLU D 111 29.81 -22.83 12.17
N ALA D 112 29.68 -21.61 12.69
CA ALA D 112 30.85 -20.92 13.23
C ALA D 112 31.46 -21.71 14.38
N GLY D 113 30.64 -22.15 15.34
CA GLY D 113 31.09 -22.99 16.42
C GLY D 113 31.79 -22.28 17.57
N ASN D 114 32.11 -20.99 17.42
CA ASN D 114 32.85 -20.27 18.45
C ASN D 114 31.94 -19.55 19.44
N VAL D 115 30.64 -19.48 19.17
CA VAL D 115 29.77 -18.60 19.94
C VAL D 115 29.54 -19.21 21.31
N LYS D 116 29.95 -18.49 22.36
CA LYS D 116 29.79 -19.01 23.71
C LYS D 116 28.37 -18.83 24.25
N ARG D 117 27.59 -17.88 23.72
CA ARG D 117 26.21 -17.74 24.18
C ARG D 117 25.40 -16.97 23.14
N PHE D 118 24.14 -17.37 23.00
CA PHE D 118 23.20 -16.73 22.09
C PHE D 118 21.96 -16.30 22.87
N LEU D 119 21.62 -15.01 22.81
CA LEU D 119 20.36 -14.51 23.36
C LEU D 119 19.40 -14.24 22.20
N PRO D 120 18.42 -15.10 21.95
CA PRO D 120 17.48 -14.84 20.85
C PRO D 120 16.48 -13.76 21.23
N SER D 121 15.66 -13.38 20.26
CA SER D 121 14.73 -12.25 20.42
C SER D 121 13.54 -12.72 21.25
N GLU D 122 13.66 -12.52 22.56
CA GLU D 122 12.65 -12.95 23.52
C GLU D 122 12.02 -11.71 24.10
N PHE D 123 12.37 -11.30 25.32
CA PHE D 123 12.05 -9.98 25.87
C PHE D 123 10.56 -9.75 26.10
N GLY D 124 9.76 -10.80 26.25
CA GLY D 124 8.34 -10.65 26.51
C GLY D 124 7.77 -11.78 27.30
N MET D 125 6.54 -12.16 26.96
CA MET D 125 5.93 -13.32 27.57
C MET D 125 6.80 -14.54 27.29
N ASP D 126 6.77 -15.48 28.23
CA ASP D 126 7.61 -16.67 28.28
C ASP D 126 6.99 -17.74 27.38
N PRO D 127 7.52 -17.94 26.18
CA PRO D 127 6.76 -18.66 25.12
C PRO D 127 6.30 -20.04 25.54
N PRO D 128 7.16 -20.86 26.17
CA PRO D 128 6.71 -22.20 26.57
C PRO D 128 5.54 -22.18 27.53
N ARG D 129 5.28 -21.06 28.20
CA ARG D 129 4.12 -20.95 29.08
C ARG D 129 2.84 -20.59 28.34
N MET D 130 2.92 -20.26 27.04
CA MET D 130 1.80 -19.64 26.31
C MET D 130 1.17 -20.60 25.30
N GLY D 131 1.22 -21.91 25.56
CA GLY D 131 0.71 -22.87 24.59
C GLY D 131 -0.78 -22.80 24.35
N HIS D 132 -1.51 -22.17 25.25
CA HIS D 132 -2.96 -21.98 25.16
C HIS D 132 -3.35 -20.72 24.40
N ALA D 133 -2.38 -19.98 23.87
CA ALA D 133 -2.61 -18.58 23.49
C ALA D 133 -3.61 -18.46 22.36
N LEU D 134 -4.37 -17.36 22.39
CA LEU D 134 -5.31 -17.01 21.31
C LEU D 134 -4.54 -16.72 20.03
N PRO D 135 -4.90 -17.35 18.89
CA PRO D 135 -4.35 -16.92 17.59
C PRO D 135 -5.01 -15.62 17.14
N PRO D 136 -4.32 -14.81 16.31
CA PRO D 136 -2.98 -14.96 15.75
C PRO D 136 -1.85 -14.52 16.67
N GLY D 137 -2.16 -13.87 17.80
CA GLY D 137 -1.10 -13.52 18.72
C GLY D 137 -0.26 -14.70 19.14
N ARG D 138 -0.82 -15.90 19.04
CA ARG D 138 -0.07 -17.10 19.37
C ARG D 138 1.18 -17.25 18.50
N GLU D 139 1.14 -16.71 17.27
CA GLU D 139 2.27 -16.84 16.36
C GLU D 139 3.57 -16.35 16.98
N THR D 140 3.50 -15.29 17.79
CA THR D 140 4.69 -14.83 18.48
C THR D 140 5.34 -15.95 19.27
N PHE D 141 4.55 -16.68 20.07
CA PHE D 141 5.14 -17.69 20.94
C PHE D 141 5.51 -18.96 20.18
N ASP D 142 4.68 -19.36 19.19
CA ASP D 142 5.04 -20.49 18.34
C ASP D 142 6.38 -20.27 17.64
N GLN D 143 6.59 -19.08 17.10
CA GLN D 143 7.83 -18.84 16.37
C GLN D 143 9.01 -18.71 17.31
N LYS D 144 8.82 -18.13 18.49
CA LYS D 144 9.95 -18.08 19.42
C LYS D 144 10.29 -19.48 19.94
N MET D 145 9.29 -20.36 20.06
CA MET D 145 9.58 -21.74 20.47
C MET D 145 10.35 -22.48 19.37
N GLU D 146 9.96 -22.31 18.11
CA GLU D 146 10.71 -22.92 17.01
C GLU D 146 12.16 -22.47 17.05
N VAL D 147 12.40 -21.20 17.40
CA VAL D 147 13.77 -20.70 17.47
C VAL D 147 14.52 -21.32 18.65
N ARG D 148 13.86 -21.43 19.81
CA ARG D 148 14.47 -22.15 20.93
C ARG D 148 14.81 -23.58 20.56
N GLN D 149 13.95 -24.23 19.77
CA GLN D 149 14.16 -25.63 19.45
C GLN D 149 15.38 -25.78 18.55
N ALA D 150 15.56 -24.85 17.61
CA ALA D 150 16.75 -24.87 16.76
C ALA D 150 18.01 -24.61 17.58
N ILE D 151 17.95 -23.68 18.53
CA ILE D 151 19.10 -23.36 19.35
C ILE D 151 19.57 -24.59 20.12
N GLU D 152 18.63 -25.29 20.75
CA GLU D 152 18.98 -26.41 21.60
C GLU D 152 19.30 -27.66 20.80
N ALA D 153 18.62 -27.86 19.66
CA ALA D 153 18.98 -28.96 18.77
C ALA D 153 20.42 -28.84 18.28
N ALA D 154 20.92 -27.61 18.12
CA ALA D 154 22.30 -27.39 17.72
C ALA D 154 23.26 -27.33 18.90
N GLY D 155 22.75 -27.40 20.14
CA GLY D 155 23.62 -27.35 21.29
C GLY D 155 24.29 -26.00 21.51
N ILE D 156 23.64 -24.93 21.09
CA ILE D 156 24.18 -23.58 21.30
C ILE D 156 23.81 -23.12 22.71
N PRO D 157 24.76 -22.65 23.51
CA PRO D 157 24.41 -22.16 24.85
C PRO D 157 23.63 -20.87 24.76
N TYR D 158 22.74 -20.65 25.73
CA TYR D 158 21.70 -19.64 25.55
C TYR D 158 21.35 -18.96 26.87
N THR D 159 20.73 -17.79 26.73
CA THR D 159 19.97 -17.19 27.83
C THR D 159 18.71 -16.61 27.23
N TYR D 160 17.57 -16.89 27.86
CA TYR D 160 16.26 -16.42 27.44
C TYR D 160 15.78 -15.35 28.41
N VAL D 161 15.64 -14.12 27.93
CA VAL D 161 15.32 -12.97 28.77
C VAL D 161 13.84 -12.67 28.59
N VAL D 162 13.04 -12.87 29.64
CA VAL D 162 11.59 -12.79 29.57
C VAL D 162 11.05 -12.07 30.79
N GLY D 163 9.76 -11.70 30.73
CA GLY D 163 8.96 -11.51 31.92
C GLY D 163 8.28 -10.16 32.08
N ALA D 164 8.64 -9.10 31.36
CA ALA D 164 8.10 -7.77 31.68
C ALA D 164 7.49 -7.10 30.46
N CYS D 165 6.43 -6.33 30.71
CA CYS D 165 5.89 -5.40 29.73
C CYS D 165 6.84 -4.22 29.53
N PHE D 166 7.17 -3.92 28.27
CA PHE D 166 7.87 -2.67 27.96
C PHE D 166 7.03 -1.51 28.46
N ALA D 167 7.65 -0.65 29.29
CA ALA D 167 6.89 0.44 29.90
C ALA D 167 6.21 1.34 28.86
N ALA D 168 6.84 1.59 27.72
CA ALA D 168 6.26 2.52 26.75
C ALA D 168 4.92 2.02 26.23
N TYR D 169 4.77 0.71 26.04
CA TYR D 169 3.56 0.15 25.44
C TYR D 169 2.47 -0.19 26.45
N PHE D 170 2.80 -0.21 27.74
CA PHE D 170 1.84 -0.65 28.75
C PHE D 170 1.72 0.26 29.97
N ALA D 171 2.75 1.03 30.32
CA ALA D 171 2.69 1.92 31.47
C ALA D 171 2.36 3.36 31.07
N GLY D 172 3.01 3.88 30.02
CA GLY D 172 2.82 5.27 29.65
C GLY D 172 1.41 5.61 29.19
N ASN D 173 0.69 4.64 28.66
CA ASN D 173 -0.67 4.84 28.18
C ASN D 173 -1.71 4.35 29.17
N LEU D 174 -1.32 4.10 30.42
CA LEU D 174 -2.19 3.48 31.41
C LEU D 174 -2.83 2.21 30.84
N SER D 175 -2.04 1.50 30.03
CA SER D 175 -2.42 0.25 29.38
C SER D 175 -3.59 0.40 28.39
N GLN D 176 -3.88 1.62 27.93
CA GLN D 176 -4.91 1.81 26.92
C GLN D 176 -4.36 1.44 25.54
N MET D 177 -5.14 0.71 24.76
CA MET D 177 -4.64 0.24 23.47
C MET D 177 -4.69 1.34 22.41
N VAL D 178 -3.77 1.24 21.44
CA VAL D 178 -3.67 2.11 20.25
C VAL D 178 -3.40 3.55 20.66
N THR D 179 -2.75 3.74 21.80
CA THR D 179 -2.27 5.04 22.22
C THR D 179 -1.02 4.82 23.05
N LEU D 180 -0.19 5.85 23.13
CA LEU D 180 1.06 5.77 23.88
C LEU D 180 1.19 6.88 24.92
N LEU D 181 0.11 7.62 25.19
CA LEU D 181 0.10 8.68 26.18
C LEU D 181 -1.05 8.46 27.14
N PRO D 182 -0.95 8.99 28.36
CA PRO D 182 -2.04 8.84 29.32
C PRO D 182 -3.32 9.49 28.81
N PRO D 183 -4.46 8.84 29.00
CA PRO D 183 -5.74 9.46 28.63
C PRO D 183 -6.05 10.64 29.53
N LYS D 184 -6.86 11.57 29.01
CA LYS D 184 -7.03 12.85 29.71
C LYS D 184 -8.17 12.84 30.73
N GLU D 185 -9.19 12.01 30.56
CA GLU D 185 -10.35 12.08 31.45
C GLU D 185 -10.96 10.73 31.79
N LYS D 186 -10.89 9.75 30.89
CA LYS D 186 -11.53 8.46 31.04
C LYS D 186 -10.50 7.38 30.77
N VAL D 187 -10.61 6.28 31.51
CA VAL D 187 -9.71 5.16 31.33
C VAL D 187 -10.54 3.87 31.37
N ASN D 188 -10.21 2.94 30.47
CA ASN D 188 -10.79 1.59 30.50
C ASN D 188 -9.96 0.70 31.41
N ILE D 189 -10.62 0.05 32.37
CA ILE D 189 -10.00 -0.90 33.28
C ILE D 189 -10.38 -2.31 32.83
N TYR D 190 -9.38 -3.16 32.63
CA TYR D 190 -9.61 -4.53 32.17
C TYR D 190 -10.06 -5.37 33.35
N GLY D 191 -11.24 -5.97 33.22
CA GLY D 191 -11.84 -6.68 34.33
C GLY D 191 -11.93 -5.79 35.54
N ASP D 192 -11.58 -6.34 36.70
CA ASP D 192 -11.58 -5.56 37.93
C ASP D 192 -10.35 -4.68 38.06
N GLY D 193 -9.38 -4.82 37.17
CA GLY D 193 -8.13 -4.08 37.31
C GLY D 193 -7.28 -4.52 38.48
N ASN D 194 -7.50 -5.72 38.99
CA ASN D 194 -6.77 -6.23 40.16
C ASN D 194 -5.85 -7.39 39.81
N VAL D 195 -5.46 -7.52 38.54
CA VAL D 195 -4.57 -8.58 38.08
C VAL D 195 -3.17 -7.98 37.99
N LYS D 196 -2.22 -8.60 38.70
CA LYS D 196 -0.87 -8.06 38.74
C LYS D 196 -0.18 -8.22 37.39
N VAL D 197 0.48 -7.15 36.96
CA VAL D 197 1.23 -7.12 35.70
C VAL D 197 2.65 -6.69 36.04
N VAL D 198 3.60 -7.07 35.18
CA VAL D 198 5.01 -6.73 35.36
C VAL D 198 5.42 -5.69 34.34
N PHE D 199 5.93 -4.56 34.83
CA PHE D 199 6.34 -3.43 34.00
C PHE D 199 7.83 -3.14 34.16
N ALA D 200 8.51 -2.85 33.05
CA ALA D 200 9.88 -2.40 33.18
C ALA D 200 10.22 -1.39 32.10
N ASP D 201 10.91 -0.33 32.52
CA ASP D 201 11.56 0.59 31.60
C ASP D 201 12.49 -0.15 30.65
N GLU D 202 12.40 0.16 29.36
CA GLU D 202 13.14 -0.62 28.37
C GLU D 202 14.65 -0.41 28.49
N ASP D 203 15.07 0.74 29.02
CA ASP D 203 16.49 0.93 29.26
C ASP D 203 17.00 0.02 30.37
N ASP D 204 16.13 -0.27 31.35
CA ASP D 204 16.48 -1.24 32.38
C ASP D 204 16.57 -2.64 31.80
N ILE D 205 15.62 -2.99 30.92
CA ILE D 205 15.68 -4.28 30.25
C ILE D 205 16.99 -4.42 29.50
N ALA D 206 17.39 -3.38 28.77
CA ALA D 206 18.65 -3.42 28.05
C ALA D 206 19.82 -3.60 29.00
N LYS D 207 19.81 -2.86 30.13
CA LYS D 207 20.90 -2.97 31.09
C LYS D 207 20.98 -4.37 31.69
N TYR D 208 19.83 -4.94 32.08
CA TYR D 208 19.84 -6.32 32.56
C TYR D 208 20.37 -7.27 31.49
N THR D 209 19.99 -7.05 30.24
CA THR D 209 20.48 -7.91 29.16
C THR D 209 22.00 -7.83 29.06
N ALA D 210 22.54 -6.61 29.06
CA ALA D 210 24.00 -6.45 28.96
C ALA D 210 24.71 -7.11 30.14
N LYS D 211 24.12 -7.05 31.32
CA LYS D 211 24.75 -7.62 32.51
C LYS D 211 24.65 -9.14 32.55
N THR D 212 23.56 -9.71 32.01
CA THR D 212 23.35 -11.15 32.14
C THR D 212 24.08 -11.97 31.08
N LEU D 213 24.52 -11.36 29.99
CA LEU D 213 24.94 -12.16 28.83
C LEU D 213 26.31 -12.80 29.00
N ASN D 214 27.07 -12.45 30.03
CA ASN D 214 28.26 -13.23 30.40
C ASN D 214 28.23 -13.65 31.87
N ASP D 215 27.04 -13.75 32.44
CA ASP D 215 26.89 -14.19 33.83
C ASP D 215 26.82 -15.71 33.86
N PRO D 216 27.79 -16.40 34.50
CA PRO D 216 27.70 -17.86 34.55
C PRO D 216 26.39 -18.35 35.13
N ARG D 217 25.85 -17.61 36.11
CA ARG D 217 24.60 -17.99 36.77
C ARG D 217 23.43 -18.12 35.80
N THR D 218 23.46 -17.44 34.65
CA THR D 218 22.35 -17.45 33.71
C THR D 218 22.66 -18.21 32.43
N LEU D 219 23.80 -18.91 32.39
CA LEU D 219 24.13 -19.75 31.24
C LEU D 219 23.14 -20.90 31.10
N ASN D 220 22.53 -21.03 29.93
CA ASN D 220 21.50 -22.04 29.65
C ASN D 220 20.32 -21.93 30.60
N LYS D 221 19.94 -20.69 30.92
CA LYS D 221 18.85 -20.40 31.83
C LYS D 221 17.87 -19.43 31.18
N THR D 222 16.63 -19.47 31.65
CA THR D 222 15.68 -18.37 31.46
C THR D 222 15.85 -17.38 32.60
N VAL D 223 15.98 -16.10 32.27
CA VAL D 223 16.15 -15.04 33.25
C VAL D 223 14.88 -14.19 33.22
N ASN D 224 14.28 -13.99 34.39
CA ASN D 224 13.05 -13.22 34.52
C ASN D 224 13.37 -11.78 34.91
N ILE D 225 12.76 -10.85 34.19
CA ILE D 225 12.78 -9.44 34.57
C ILE D 225 11.47 -9.18 35.31
N ARG D 226 11.53 -9.21 36.64
CA ARG D 226 10.35 -8.98 37.47
C ARG D 226 10.75 -8.11 38.66
N PRO D 227 10.99 -6.83 38.42
CA PRO D 227 11.38 -5.93 39.51
C PRO D 227 10.23 -5.78 40.48
N PRO D 228 10.46 -6.08 41.76
CA PRO D 228 9.32 -6.22 42.70
C PRO D 228 8.46 -4.97 42.83
N ASP D 229 9.07 -3.78 42.88
CA ASP D 229 8.25 -2.56 42.99
C ASP D 229 7.44 -2.29 41.72
N ASN D 230 7.77 -2.96 40.62
CA ASN D 230 7.07 -2.75 39.35
C ASN D 230 6.08 -3.86 39.06
N VAL D 231 5.73 -4.66 40.05
CA VAL D 231 4.65 -5.64 39.90
C VAL D 231 3.38 -4.98 40.45
N LEU D 232 2.50 -4.58 39.52
CA LEU D 232 1.38 -3.69 39.83
C LEU D 232 0.15 -4.15 39.04
N THR D 233 -1.03 -4.00 39.64
CA THR D 233 -2.27 -4.13 38.87
C THR D 233 -2.50 -2.87 38.04
N GLN D 234 -3.39 -2.98 37.05
CA GLN D 234 -3.68 -1.80 36.23
C GLN D 234 -4.25 -0.69 37.09
N LEU D 235 -5.12 -1.03 38.04
CA LEU D 235 -5.69 0.00 38.89
C LEU D 235 -4.61 0.68 39.73
N GLU D 236 -3.61 -0.08 40.19
CA GLU D 236 -2.52 0.55 40.91
C GLU D 236 -1.73 1.50 40.03
N LEU D 237 -1.49 1.09 38.78
CA LEU D 237 -0.84 1.98 37.82
C LEU D 237 -1.63 3.27 37.64
N VAL D 238 -2.95 3.14 37.43
CA VAL D 238 -3.79 4.30 37.25
C VAL D 238 -3.71 5.22 38.46
N GLN D 239 -3.73 4.62 39.65
CA GLN D 239 -3.69 5.40 40.88
C GLN D 239 -2.38 6.14 41.02
N ILE D 240 -1.29 5.57 40.52
CA ILE D 240 -0.02 6.30 40.48
C ILE D 240 -0.19 7.59 39.67
N TRP D 241 -0.79 7.47 38.47
CA TRP D 241 -0.94 8.64 37.61
C TRP D 241 -1.82 9.69 38.27
N GLU D 242 -2.93 9.26 38.87
CA GLU D 242 -3.82 10.21 39.52
C GLU D 242 -3.11 10.94 40.65
N LYS D 243 -2.25 10.24 41.39
CA LYS D 243 -1.49 10.88 42.43
C LYS D 243 -0.48 11.88 41.86
N LEU D 244 0.05 11.61 40.68
CA LEU D 244 0.99 12.55 40.09
C LEU D 244 0.30 13.80 39.57
N THR D 245 -0.92 13.64 39.03
CA THR D 245 -1.62 14.72 38.34
C THR D 245 -2.62 15.45 39.22
N GLY D 246 -3.03 14.85 40.33
CA GLY D 246 -4.10 15.39 41.14
C GLY D 246 -5.47 15.37 40.50
N LYS D 247 -5.71 14.44 39.56
CA LYS D 247 -7.02 14.34 38.91
C LYS D 247 -7.42 12.88 38.81
N GLU D 248 -8.54 12.55 39.43
CA GLU D 248 -9.10 11.22 39.32
C GLU D 248 -9.67 11.03 37.91
N LEU D 249 -9.44 9.84 37.34
CA LEU D 249 -9.98 9.51 36.03
C LEU D 249 -11.27 8.72 36.17
N GLU D 250 -12.18 8.94 35.22
CA GLU D 250 -13.41 8.16 35.20
C GLU D 250 -13.10 6.77 34.66
N LYS D 251 -13.44 5.74 35.42
CA LYS D 251 -13.02 4.38 35.13
C LYS D 251 -14.22 3.56 34.64
N THR D 252 -14.03 2.87 33.51
CA THR D 252 -15.03 1.93 33.00
C THR D 252 -14.41 0.54 33.00
N ASN D 253 -15.04 -0.38 33.73
CA ASN D 253 -14.57 -1.75 33.74
C ASN D 253 -15.09 -2.49 32.52
N ILE D 254 -14.18 -3.18 31.82
CA ILE D 254 -14.52 -3.92 30.62
C ILE D 254 -14.44 -5.41 30.93
N ALA D 255 -15.57 -6.10 30.85
CA ALA D 255 -15.59 -7.54 31.10
C ALA D 255 -14.90 -8.28 29.97
N ALA D 256 -14.33 -9.43 30.30
CA ALA D 256 -13.57 -10.21 29.32
C ALA D 256 -14.40 -10.44 28.06
N GLN D 257 -15.67 -10.79 28.22
CA GLN D 257 -16.52 -11.08 27.07
C GLN D 257 -16.61 -9.89 26.13
N ASP D 258 -16.63 -8.69 26.68
CA ASP D 258 -16.80 -7.48 25.88
C ASP D 258 -15.49 -6.99 25.29
N PHE D 259 -14.40 -7.14 26.03
CA PHE D 259 -13.09 -6.89 25.45
C PHE D 259 -12.85 -7.73 24.20
N LEU D 260 -13.23 -9.01 24.23
CA LEU D 260 -12.98 -9.94 23.13
C LEU D 260 -14.06 -9.92 22.07
N ALA D 261 -15.13 -9.14 22.26
CA ALA D 261 -16.25 -9.12 21.32
C ALA D 261 -15.84 -8.82 19.89
N ASN D 262 -16.25 -9.69 18.95
CA ASN D 262 -16.02 -9.48 17.52
C ASN D 262 -14.54 -9.41 17.15
N ILE D 263 -13.68 -10.04 17.96
CA ILE D 263 -12.26 -10.03 17.64
C ILE D 263 -12.00 -10.59 16.25
N GLU D 264 -12.79 -11.59 15.81
CA GLU D 264 -12.51 -12.24 14.53
C GLU D 264 -12.70 -11.31 13.35
N GLN D 265 -13.37 -10.18 13.53
CA GLN D 265 -13.55 -9.21 12.47
C GLN D 265 -12.48 -8.13 12.45
N MET D 266 -11.57 -8.11 13.43
CA MET D 266 -10.51 -7.11 13.49
C MET D 266 -9.39 -7.44 12.50
N GLU D 267 -8.57 -6.43 12.21
CA GLU D 267 -7.35 -6.63 11.45
C GLU D 267 -6.37 -7.46 12.27
N ILE D 268 -5.59 -8.30 11.58
CA ILE D 268 -4.77 -9.29 12.29
C ILE D 268 -3.83 -8.65 13.30
N PRO D 269 -3.13 -7.54 13.00
CA PRO D 269 -2.25 -6.97 14.03
C PRO D 269 -3.00 -6.55 15.27
N HIS D 270 -4.26 -6.09 15.12
CA HIS D 270 -5.05 -5.70 16.27
C HIS D 270 -5.58 -6.92 17.03
N GLN D 271 -5.97 -7.98 16.29
CA GLN D 271 -6.33 -9.24 16.93
C GLN D 271 -5.19 -9.75 17.80
N ALA D 272 -3.96 -9.71 17.28
CA ALA D 272 -2.83 -10.18 18.07
C ALA D 272 -2.65 -9.34 19.33
N GLY D 273 -2.75 -8.02 19.20
CA GLY D 273 -2.63 -7.16 20.36
C GLY D 273 -3.70 -7.45 21.40
N ILE D 274 -4.94 -7.67 20.93
CA ILE D 274 -6.03 -7.96 21.86
C ILE D 274 -5.78 -9.27 22.59
N GLY D 275 -5.33 -10.29 21.84
CA GLY D 275 -4.99 -11.56 22.47
C GLY D 275 -3.90 -11.42 23.52
N HIS D 276 -2.83 -10.69 23.19
CA HIS D 276 -1.75 -10.46 24.15
C HIS D 276 -2.24 -9.68 25.37
N PHE D 277 -3.01 -8.60 25.14
CA PHE D 277 -3.53 -7.86 26.28
C PHE D 277 -4.43 -8.74 27.13
N TYR D 278 -5.15 -9.68 26.51
CA TYR D 278 -6.03 -10.54 27.28
C TYR D 278 -5.24 -11.44 28.23
N HIS D 279 -4.18 -12.07 27.73
CA HIS D 279 -3.36 -12.93 28.57
C HIS D 279 -2.70 -12.16 29.69
N ILE D 280 -2.31 -10.90 29.45
CA ILE D 280 -1.57 -10.13 30.46
C ILE D 280 -2.51 -9.62 31.54
N PHE D 281 -3.60 -8.97 31.13
CA PHE D 281 -4.43 -8.23 32.06
C PHE D 281 -5.64 -9.03 32.55
N TYR D 282 -6.13 -9.98 31.76
CA TYR D 282 -7.21 -10.81 32.28
C TYR D 282 -6.69 -12.11 32.90
N GLU D 283 -5.74 -12.77 32.24
CA GLU D 283 -5.24 -14.04 32.76
C GLU D 283 -4.04 -13.88 33.69
N GLY D 284 -3.39 -12.71 33.68
CA GLY D 284 -2.24 -12.47 34.54
C GLY D 284 -1.07 -13.38 34.25
N CYS D 285 -0.76 -13.61 32.97
CA CYS D 285 0.28 -14.59 32.64
C CYS D 285 1.67 -14.17 33.10
N LEU D 286 1.90 -12.90 33.43
CA LEU D 286 3.23 -12.48 33.87
C LEU D 286 3.44 -12.66 35.36
N THR D 287 2.39 -12.95 36.12
CA THR D 287 2.49 -13.05 37.57
C THR D 287 1.85 -14.30 38.15
N ASP D 288 1.40 -15.23 37.31
CA ASP D 288 0.67 -16.41 37.78
C ASP D 288 1.60 -17.56 38.14
N HIS D 289 2.89 -17.30 38.29
CA HIS D 289 3.85 -18.31 38.69
C HIS D 289 4.93 -17.60 39.49
N GLU D 290 5.55 -18.34 40.41
CA GLU D 290 6.59 -17.82 41.27
C GLU D 290 7.96 -18.21 40.71
N VAL D 291 8.92 -17.29 40.78
CA VAL D 291 10.29 -17.54 40.34
C VAL D 291 11.24 -17.17 41.47
N GLY D 292 12.41 -17.85 41.49
CA GLY D 292 13.37 -17.60 42.55
C GLY D 292 14.16 -16.32 42.33
N GLU D 293 14.69 -15.77 43.43
CA GLU D 293 15.57 -14.63 43.28
C GLU D 293 16.80 -14.99 42.45
N ASP D 294 17.20 -16.27 42.48
CA ASP D 294 18.27 -16.86 41.66
C ASP D 294 18.08 -16.65 40.17
N GLU D 295 16.87 -16.35 39.73
CA GLU D 295 16.58 -16.33 38.30
C GLU D 295 15.76 -15.10 37.94
N GLU D 296 15.89 -14.04 38.74
CA GLU D 296 15.19 -12.79 38.54
C GLU D 296 16.24 -11.68 38.44
N ALA D 297 16.15 -10.87 37.37
CA ALA D 297 17.25 -9.95 37.04
C ALA D 297 17.49 -8.91 38.14
N SER D 298 16.43 -8.33 38.72
CA SER D 298 16.65 -7.26 39.69
C SER D 298 17.39 -7.77 40.91
N SER D 299 17.17 -9.03 41.29
CA SER D 299 17.91 -9.64 42.39
C SER D 299 19.31 -10.06 41.97
N LEU D 300 19.44 -10.60 40.75
CA LEU D 300 20.74 -10.98 40.22
C LEU D 300 21.67 -9.79 40.05
N TYR D 301 21.13 -8.62 39.68
CA TYR D 301 21.93 -7.44 39.37
C TYR D 301 21.38 -6.29 40.21
N PRO D 302 21.63 -6.34 41.52
CA PRO D 302 21.06 -5.33 42.41
C PRO D 302 21.67 -3.95 42.24
N ASP D 303 22.79 -3.83 41.52
CA ASP D 303 23.36 -2.52 41.27
C ASP D 303 22.51 -1.69 40.30
N VAL D 304 21.60 -2.34 39.55
CA VAL D 304 20.70 -1.64 38.64
C VAL D 304 19.58 -1.02 39.45
N LYS D 305 19.61 0.31 39.62
CA LYS D 305 18.54 0.99 40.36
C LYS D 305 17.38 1.21 39.39
N TYR D 306 16.58 0.15 39.20
CA TYR D 306 15.59 0.19 38.13
C TYR D 306 14.58 1.32 38.35
N LYS D 307 14.06 1.83 37.23
CA LYS D 307 13.09 2.91 37.26
C LYS D 307 11.73 2.37 37.71
N ARG D 308 11.21 2.91 38.80
CA ARG D 308 9.86 2.60 39.23
C ARG D 308 8.85 3.35 38.36
N MET D 309 7.61 2.88 38.37
CA MET D 309 6.63 3.42 37.44
C MET D 309 6.14 4.82 37.82
N ASP D 310 6.26 5.23 39.09
CA ASP D 310 6.00 6.64 39.38
C ASP D 310 7.04 7.51 38.68
N ASP D 311 8.30 7.10 38.75
CA ASP D 311 9.31 7.86 38.04
C ASP D 311 9.14 7.78 36.54
N TYR D 312 8.72 6.62 36.03
CA TYR D 312 8.49 6.50 34.59
C TYR D 312 7.38 7.43 34.14
N LEU D 313 6.25 7.42 34.86
CA LEU D 313 5.12 8.23 34.44
C LEU D 313 5.39 9.72 34.63
N ARG D 314 6.33 10.09 35.50
CA ARG D 314 6.65 11.49 35.68
C ARG D 314 7.08 12.14 34.36
N MET D 315 7.69 11.37 33.44
CA MET D 315 8.07 11.93 32.15
C MET D 315 6.88 12.45 31.35
N PHE D 316 5.67 12.01 31.69
CA PHE D 316 4.51 12.36 30.90
C PHE D 316 3.78 13.58 31.44
N LEU D 317 4.20 14.08 32.59
CA LEU D 317 3.63 15.28 33.15
C LEU D 317 4.04 16.49 32.31
#